data_2LID
#
_entry.id   2LID
#
_entity_poly.entity_id   1
_entity_poly.type   'polypeptide(L)'
_entity_poly.pdbx_seq_one_letter_code
;EHKHSDESTSE(SEP)FESIADNNDDSYFQRKPKLTEAP
;
_entity_poly.pdbx_strand_id   A
#
# COMPACT_ATOMS: atom_id res chain seq x y z
N GLU A 1 18.58 -5.38 -3.95
CA GLU A 1 18.13 -4.24 -4.79
C GLU A 1 16.97 -4.64 -5.68
N HIS A 2 17.25 -5.50 -6.65
CA HIS A 2 16.22 -5.97 -7.58
C HIS A 2 15.85 -7.42 -7.29
N LYS A 3 14.85 -7.93 -8.00
CA LYS A 3 14.41 -9.31 -7.82
C LYS A 3 13.96 -9.55 -6.38
N HIS A 4 12.66 -9.48 -6.14
CA HIS A 4 12.11 -9.69 -4.80
C HIS A 4 12.34 -11.12 -4.33
N SER A 5 12.84 -11.97 -5.23
CA SER A 5 13.12 -13.36 -4.91
C SER A 5 11.88 -14.08 -4.39
N ASP A 6 10.70 -13.53 -4.72
CA ASP A 6 9.43 -14.12 -4.30
C ASP A 6 9.27 -14.05 -2.78
N GLU A 7 8.17 -13.45 -2.34
CA GLU A 7 7.90 -13.33 -0.91
C GLU A 7 6.45 -12.89 -0.68
N SER A 8 6.17 -11.63 -0.97
CA SER A 8 4.83 -11.09 -0.82
C SER A 8 4.13 -11.04 -2.17
N THR A 9 4.90 -11.29 -3.22
CA THR A 9 4.38 -11.29 -4.59
C THR A 9 3.77 -9.93 -4.95
N SER A 10 4.08 -8.93 -4.14
CA SER A 10 3.57 -7.58 -4.36
C SER A 10 4.54 -6.54 -3.80
N GLU A 11 5.64 -7.01 -3.23
CA GLU A 11 6.66 -6.15 -2.65
C GLU A 11 6.10 -5.32 -1.50
N SEP A 12 5.52 -4.18 -1.84
CA SEP A 12 4.95 -3.29 -0.84
CB SEP A 12 6.06 -2.47 -0.17
OG SEP A 12 6.92 -3.28 0.59
C SEP A 12 3.91 -2.36 -1.45
O SEP A 12 3.54 -1.35 -0.87
P SEP A 12 8.42 -2.69 0.52
O1P SEP A 12 9.43 -3.73 1.22
O2P SEP A 12 8.90 -2.66 -1.01
O3P SEP A 12 8.39 -1.15 0.94
H SEP A 12 5.49 -3.93 -2.78
HA SEP A 12 4.48 -3.90 -0.08
HB2 SEP A 12 6.64 -1.97 -0.94
HB3 SEP A 12 5.61 -1.73 0.48
N PHE A 13 3.43 -2.72 -2.64
CA PHE A 13 2.43 -1.92 -3.34
C PHE A 13 1.91 -2.66 -4.58
N GLU A 14 0.60 -2.60 -4.76
CA GLU A 14 -0.05 -3.25 -5.89
C GLU A 14 -1.53 -2.88 -5.91
N SER A 15 -1.82 -1.64 -6.30
CA SER A 15 -3.19 -1.14 -6.37
C SER A 15 -4.11 -2.14 -7.07
N ILE A 16 -5.07 -2.68 -6.32
CA ILE A 16 -6.02 -3.64 -6.86
C ILE A 16 -7.37 -2.99 -7.06
N ALA A 17 -7.67 -2.01 -6.21
CA ALA A 17 -8.95 -1.31 -6.28
C ALA A 17 -8.83 0.09 -5.69
N ASP A 18 -9.94 0.60 -5.15
CA ASP A 18 -9.97 1.92 -4.54
C ASP A 18 -10.61 1.82 -3.17
N ASN A 19 -10.57 0.61 -2.60
CA ASN A 19 -11.14 0.34 -1.29
C ASN A 19 -10.31 -0.72 -0.58
N ASN A 20 -9.40 -1.34 -1.32
CA ASN A 20 -8.54 -2.38 -0.79
C ASN A 20 -7.12 -1.86 -0.66
N ASP A 21 -6.58 -1.34 -1.75
CA ASP A 21 -5.23 -0.80 -1.76
C ASP A 21 -5.12 0.28 -0.69
N ASP A 22 -6.23 0.96 -0.44
CA ASP A 22 -6.27 2.01 0.57
C ASP A 22 -6.49 1.43 1.96
N SER A 23 -5.90 0.26 2.22
CA SER A 23 -6.04 -0.39 3.51
C SER A 23 -4.96 -1.44 3.75
N TYR A 24 -4.59 -2.18 2.70
CA TYR A 24 -3.57 -3.22 2.83
C TYR A 24 -2.17 -2.73 2.51
N PHE A 25 -2.05 -1.95 1.43
CA PHE A 25 -0.75 -1.43 1.01
C PHE A 25 -0.54 -0.01 1.54
N GLN A 26 -1.60 0.78 1.55
CA GLN A 26 -1.52 2.15 2.02
C GLN A 26 -1.15 2.20 3.51
N ARG A 27 -2.06 1.72 4.35
CA ARG A 27 -1.86 1.69 5.79
C ARG A 27 -1.25 3.00 6.29
N LYS A 28 -1.85 4.11 5.90
CA LYS A 28 -1.39 5.43 6.30
C LYS A 28 0.10 5.62 6.00
N PRO A 29 0.44 6.10 4.79
CA PRO A 29 1.83 6.32 4.38
C PRO A 29 2.46 7.51 5.09
N LYS A 30 1.63 8.32 5.73
CA LYS A 30 2.11 9.51 6.44
C LYS A 30 2.35 9.21 7.92
N LEU A 31 2.78 10.23 8.65
CA LEU A 31 3.04 10.09 10.08
C LEU A 31 1.89 10.69 10.89
N THR A 32 2.04 10.68 12.21
CA THR A 32 1.03 11.22 13.10
C THR A 32 1.30 12.69 13.43
N GLU A 33 0.48 13.58 12.86
CA GLU A 33 0.65 15.01 13.09
C GLU A 33 -0.35 15.51 14.14
N ALA A 34 -1.63 15.50 13.79
CA ALA A 34 -2.68 15.95 14.70
C ALA A 34 -2.44 17.40 15.11
N PRO A 35 -2.71 18.37 14.21
CA PRO A 35 -2.52 19.80 14.49
C PRO A 35 -3.60 20.35 15.43
N GLU A 1 13.86 15.79 -4.52
CA GLU A 1 12.87 15.23 -5.47
C GLU A 1 13.14 13.74 -5.71
N HIS A 2 12.24 12.90 -5.23
CA HIS A 2 12.38 11.46 -5.39
C HIS A 2 12.23 11.06 -6.86
N LYS A 3 13.23 10.34 -7.36
CA LYS A 3 13.23 9.88 -8.74
C LYS A 3 12.30 8.68 -8.92
N HIS A 4 11.93 8.05 -7.81
CA HIS A 4 11.04 6.90 -7.82
C HIS A 4 11.68 5.72 -8.56
N SER A 5 11.59 5.74 -9.89
CA SER A 5 12.16 4.69 -10.72
C SER A 5 11.52 3.33 -10.42
N ASP A 6 12.03 2.64 -9.40
CA ASP A 6 11.50 1.33 -9.03
C ASP A 6 11.48 1.18 -7.51
N GLU A 7 10.27 1.18 -6.95
CA GLU A 7 10.09 1.04 -5.51
C GLU A 7 8.61 0.98 -5.18
N SER A 8 8.13 -0.19 -4.77
CA SER A 8 6.72 -0.37 -4.47
C SER A 8 5.93 -0.14 -5.76
N THR A 9 6.66 -0.15 -6.87
CA THR A 9 6.08 0.05 -8.19
C THR A 9 4.88 -0.87 -8.36
N SER A 10 4.99 -2.05 -7.74
CA SER A 10 3.93 -3.05 -7.78
C SER A 10 4.09 -4.03 -6.62
N GLU A 11 5.06 -3.76 -5.75
CA GLU A 11 5.31 -4.62 -4.59
C GLU A 11 4.06 -4.77 -3.75
N SEP A 12 3.73 -3.73 -3.01
CA SEP A 12 2.56 -3.73 -2.14
CB SEP A 12 2.73 -2.72 -1.01
OG SEP A 12 3.82 -3.07 -0.17
C SEP A 12 1.29 -3.42 -2.93
O SEP A 12 0.18 -3.43 -2.37
P SEP A 12 4.08 -1.87 0.88
O1P SEP A 12 2.79 -1.71 1.81
O2P SEP A 12 5.25 -2.32 1.89
O3P SEP A 12 4.70 -0.62 0.09
H SEP A 12 4.30 -2.93 -3.06
HA SEP A 12 2.47 -4.72 -1.72
HB2 SEP A 12 2.92 -1.75 -1.42
HB3 SEP A 12 1.83 -2.69 -0.41
N PHE A 13 1.44 -3.15 -4.21
CA PHE A 13 0.30 -2.84 -5.08
C PHE A 13 -0.01 -4.04 -5.98
N GLU A 14 -0.27 -3.77 -7.27
CA GLU A 14 -0.58 -4.81 -8.23
C GLU A 14 -1.89 -5.51 -7.89
N SER A 15 -2.85 -4.74 -7.38
CA SER A 15 -4.16 -5.29 -7.01
C SER A 15 -5.29 -4.36 -7.45
N ILE A 16 -6.52 -4.73 -7.08
CA ILE A 16 -7.69 -3.94 -7.44
C ILE A 16 -7.59 -2.51 -6.93
N ALA A 17 -7.30 -2.36 -5.64
CA ALA A 17 -7.18 -1.05 -5.01
C ALA A 17 -8.47 -0.25 -5.10
N ASP A 18 -8.45 0.97 -4.58
CA ASP A 18 -9.62 1.85 -4.58
C ASP A 18 -10.72 1.31 -3.66
N ASN A 19 -10.38 0.30 -2.88
CA ASN A 19 -11.32 -0.30 -1.95
C ASN A 19 -10.63 -1.30 -1.03
N ASN A 20 -9.32 -1.46 -1.22
CA ASN A 20 -8.55 -2.40 -0.43
C ASN A 20 -7.14 -1.86 -0.19
N ASP A 21 -6.65 -1.10 -1.15
CA ASP A 21 -5.32 -0.51 -1.06
C ASP A 21 -5.22 0.38 0.17
N ASP A 22 -6.31 1.07 0.48
CA ASP A 22 -6.35 1.94 1.64
C ASP A 22 -6.36 1.13 2.94
N SER A 23 -6.09 -0.16 2.82
CA SER A 23 -6.08 -1.04 3.98
C SER A 23 -4.73 -1.76 4.13
N TYR A 24 -4.12 -2.14 2.99
CA TYR A 24 -2.83 -2.83 3.04
C TYR A 24 -1.74 -2.06 2.33
N PHE A 25 -2.11 -1.27 1.33
CA PHE A 25 -1.13 -0.47 0.59
C PHE A 25 -0.79 0.80 1.34
N GLN A 26 -1.80 1.39 1.96
CA GLN A 26 -1.62 2.62 2.71
C GLN A 26 -1.63 2.36 4.20
N ARG A 27 -2.56 1.51 4.64
CA ARG A 27 -2.69 1.17 6.05
C ARG A 27 -2.93 2.41 6.89
N LYS A 28 -3.86 3.24 6.45
CA LYS A 28 -4.21 4.47 7.14
C LYS A 28 -2.97 5.31 7.45
N PRO A 29 -2.44 6.04 6.45
CA PRO A 29 -1.25 6.88 6.63
C PRO A 29 -1.48 8.03 7.61
N LYS A 30 -2.34 8.97 7.24
CA LYS A 30 -2.64 10.12 8.08
C LYS A 30 -3.62 9.75 9.19
N LEU A 31 -3.83 10.67 10.11
CA LEU A 31 -4.75 10.45 11.22
C LEU A 31 -6.17 10.78 10.81
N THR A 32 -7.13 10.45 11.68
CA THR A 32 -8.54 10.73 11.41
C THR A 32 -8.81 12.22 11.43
N GLU A 33 -9.79 12.65 10.64
CA GLU A 33 -10.16 14.07 10.56
C GLU A 33 -8.96 14.92 10.13
N ALA A 34 -8.87 15.18 8.83
CA ALA A 34 -7.77 15.99 8.28
C ALA A 34 -8.29 17.07 7.33
N PRO A 35 -9.09 16.71 6.30
CA PRO A 35 -9.61 17.69 5.35
C PRO A 35 -10.78 18.50 5.92
N GLU A 1 18.31 -13.37 4.92
CA GLU A 1 19.33 -14.32 4.41
C GLU A 1 19.12 -14.59 2.93
N HIS A 2 17.95 -15.13 2.60
CA HIS A 2 17.62 -15.45 1.21
C HIS A 2 16.23 -14.92 0.86
N LYS A 3 16.17 -14.03 -0.13
CA LYS A 3 14.91 -13.45 -0.55
C LYS A 3 14.76 -13.52 -2.07
N HIS A 4 13.56 -13.23 -2.56
CA HIS A 4 13.29 -13.27 -3.99
C HIS A 4 13.40 -11.88 -4.60
N SER A 5 13.23 -10.85 -3.77
CA SER A 5 13.31 -9.46 -4.23
C SER A 5 13.44 -8.52 -3.03
N ASP A 6 12.35 -8.37 -2.29
CA ASP A 6 12.34 -7.50 -1.11
C ASP A 6 12.74 -6.07 -1.48
N GLU A 7 11.74 -5.23 -1.73
CA GLU A 7 11.99 -3.84 -2.09
C GLU A 7 11.03 -2.91 -1.34
N SER A 8 9.82 -2.78 -1.86
CA SER A 8 8.80 -1.95 -1.24
C SER A 8 7.83 -2.81 -0.45
N THR A 9 8.11 -4.12 -0.44
CA THR A 9 7.29 -5.11 0.27
C THR A 9 5.80 -4.88 0.06
N SER A 10 5.46 -4.18 -1.02
CA SER A 10 4.07 -3.89 -1.34
C SER A 10 3.92 -3.43 -2.79
N GLU A 11 5.04 -2.99 -3.38
CA GLU A 11 5.05 -2.52 -4.76
C GLU A 11 4.14 -1.32 -4.94
N SEP A 12 3.69 -0.74 -3.83
CA SEP A 12 2.81 0.42 -3.85
CB SEP A 12 3.48 1.58 -4.61
OG SEP A 12 2.64 2.72 -4.63
C SEP A 12 1.46 0.11 -4.48
O SEP A 12 0.57 0.96 -4.53
P SEP A 12 3.53 4.00 -5.06
O1P SEP A 12 4.82 4.09 -4.11
O2P SEP A 12 4.15 3.74 -6.53
O3P SEP A 12 2.56 5.26 -5.28
H SEP A 12 3.95 -1.12 -2.97
HA SEP A 12 2.66 0.73 -2.83
HB2 SEP A 12 4.40 1.84 -4.13
HB3 SEP A 12 3.67 1.27 -5.63
N PHE A 13 1.30 -1.13 -4.95
CA PHE A 13 0.06 -1.58 -5.58
C PHE A 13 0.21 -3.00 -6.11
N GLU A 14 -0.85 -3.79 -6.00
CA GLU A 14 -0.86 -5.17 -6.47
C GLU A 14 -2.23 -5.80 -6.31
N SER A 15 -3.09 -5.12 -5.55
CA SER A 15 -4.45 -5.62 -5.31
C SER A 15 -5.47 -4.85 -6.14
N ILE A 16 -6.75 -4.99 -5.78
CA ILE A 16 -7.83 -4.32 -6.49
C ILE A 16 -7.72 -2.80 -6.38
N ALA A 17 -7.32 -2.33 -5.21
CA ALA A 17 -7.17 -0.90 -4.95
C ALA A 17 -8.51 -0.17 -5.06
N ASP A 18 -8.52 1.09 -4.64
CA ASP A 18 -9.74 1.90 -4.66
C ASP A 18 -10.78 1.31 -3.72
N ASN A 19 -10.35 0.32 -2.95
CA ASN A 19 -11.19 -0.36 -1.98
C ASN A 19 -10.37 -1.37 -1.19
N ASN A 20 -9.14 -1.59 -1.64
CA ASN A 20 -8.23 -2.53 -0.98
C ASN A 20 -6.94 -1.83 -0.56
N ASP A 21 -6.30 -1.18 -1.53
CA ASP A 21 -5.05 -0.47 -1.27
C ASP A 21 -5.23 0.61 -0.20
N ASP A 22 -6.45 1.11 -0.06
CA ASP A 22 -6.75 2.14 0.91
C ASP A 22 -6.68 1.60 2.34
N SER A 23 -6.46 0.29 2.46
CA SER A 23 -6.36 -0.35 3.78
C SER A 23 -5.33 -1.47 3.78
N TYR A 24 -4.67 -1.67 2.64
CA TYR A 24 -3.66 -2.73 2.51
C TYR A 24 -2.33 -2.14 2.06
N PHE A 25 -2.38 -1.22 1.10
CA PHE A 25 -1.18 -0.59 0.59
C PHE A 25 -0.82 0.62 1.45
N GLN A 26 -1.84 1.20 2.09
CA GLN A 26 -1.65 2.37 2.95
C GLN A 26 -2.07 2.03 4.39
N ARG A 27 -2.95 1.05 4.52
CA ARG A 27 -3.43 0.61 5.82
C ARG A 27 -4.06 1.76 6.61
N LYS A 28 -5.39 1.87 6.53
CA LYS A 28 -6.12 2.91 7.24
C LYS A 28 -7.36 2.34 7.92
N PRO A 29 -7.17 1.52 8.97
CA PRO A 29 -8.28 0.90 9.71
C PRO A 29 -8.99 1.90 10.62
N LYS A 30 -8.28 2.39 11.63
CA LYS A 30 -8.84 3.36 12.56
C LYS A 30 -8.82 4.76 11.98
N LEU A 31 -9.66 5.64 12.53
CA LEU A 31 -9.75 7.01 12.04
C LEU A 31 -8.79 7.92 12.83
N THR A 32 -8.79 7.78 14.15
CA THR A 32 -7.94 8.60 15.00
C THR A 32 -6.51 8.04 15.04
N GLU A 33 -5.54 8.92 14.82
CA GLU A 33 -4.13 8.52 14.82
C GLU A 33 -3.22 9.74 14.94
N ALA A 34 -3.66 10.86 14.36
CA ALA A 34 -2.88 12.09 14.40
C ALA A 34 -3.53 13.12 15.32
N PRO A 35 -2.72 14.02 15.93
CA PRO A 35 -3.23 15.04 16.84
C PRO A 35 -4.10 16.07 16.12
N GLU A 1 8.09 -26.88 -6.18
CA GLU A 1 6.83 -26.90 -6.97
C GLU A 1 5.98 -25.66 -6.68
N HIS A 2 5.41 -25.62 -5.48
CA HIS A 2 4.58 -24.48 -5.08
C HIS A 2 5.44 -23.33 -4.56
N LYS A 3 6.74 -23.59 -4.42
CA LYS A 3 7.67 -22.58 -3.93
C LYS A 3 8.42 -21.92 -5.09
N HIS A 4 8.72 -20.63 -4.94
CA HIS A 4 9.42 -19.89 -5.98
C HIS A 4 10.55 -19.05 -5.39
N SER A 5 10.17 -17.97 -4.70
CA SER A 5 11.13 -17.08 -4.08
C SER A 5 10.46 -16.13 -3.09
N ASP A 6 9.24 -15.71 -3.43
CA ASP A 6 8.47 -14.80 -2.57
C ASP A 6 9.22 -13.48 -2.37
N GLU A 7 8.84 -12.47 -3.14
CA GLU A 7 9.47 -11.15 -3.05
C GLU A 7 8.68 -10.16 -3.88
N SER A 8 7.90 -9.32 -3.21
CA SER A 8 7.06 -8.35 -3.90
C SER A 8 6.04 -9.11 -4.72
N THR A 9 5.95 -10.41 -4.44
CA THR A 9 5.01 -11.29 -5.13
C THR A 9 3.63 -10.65 -5.17
N SER A 10 3.34 -9.89 -4.14
CA SER A 10 2.05 -9.20 -4.03
C SER A 10 2.16 -8.05 -3.03
N GLU A 11 3.36 -7.88 -2.44
CA GLU A 11 3.61 -6.82 -1.47
C GLU A 11 3.18 -5.46 -1.99
N SEP A 12 4.02 -4.88 -2.83
CA SEP A 12 3.74 -3.58 -3.42
CB SEP A 12 5.05 -2.90 -3.82
OG SEP A 12 4.82 -1.57 -4.30
C SEP A 12 2.83 -3.74 -4.63
O SEP A 12 2.96 -3.00 -5.62
P SEP A 12 6.05 -0.64 -3.87
O1P SEP A 12 5.71 0.89 -4.28
O2P SEP A 12 6.13 -0.59 -2.26
O3P SEP A 12 7.43 -1.33 -4.31
H SEP A 12 4.85 -5.35 -3.06
HA SEP A 12 3.24 -2.98 -2.68
HB2 SEP A 12 5.71 -2.84 -2.96
HB3 SEP A 12 5.53 -3.47 -4.61
N PHE A 13 1.92 -4.68 -4.55
CA PHE A 13 0.99 -4.95 -5.64
C PHE A 13 -0.41 -5.28 -5.11
N GLU A 14 -1.22 -5.91 -5.96
CA GLU A 14 -2.58 -6.28 -5.59
C GLU A 14 -3.39 -5.05 -5.22
N SER A 15 -3.04 -3.92 -5.83
CA SER A 15 -3.74 -2.67 -5.56
C SER A 15 -5.03 -2.58 -6.36
N ILE A 16 -6.17 -2.63 -5.66
CA ILE A 16 -7.46 -2.55 -6.32
C ILE A 16 -8.03 -1.14 -6.26
N ALA A 17 -7.55 -0.36 -5.28
CA ALA A 17 -7.99 1.02 -5.11
C ALA A 17 -9.45 1.09 -4.68
N ASP A 18 -9.69 1.70 -3.52
CA ASP A 18 -11.05 1.85 -2.98
C ASP A 18 -11.66 0.50 -2.64
N ASN A 19 -10.82 -0.53 -2.63
CA ASN A 19 -11.27 -1.88 -2.30
C ASN A 19 -10.16 -2.66 -1.61
N ASN A 20 -8.95 -2.12 -1.63
CA ASN A 20 -7.81 -2.77 -1.01
C ASN A 20 -6.64 -1.80 -0.81
N ASP A 21 -6.27 -1.12 -1.89
CA ASP A 21 -5.16 -0.16 -1.85
C ASP A 21 -5.26 0.75 -0.63
N ASP A 22 -6.43 1.34 -0.44
CA ASP A 22 -6.66 2.24 0.68
C ASP A 22 -7.06 1.44 1.92
N SER A 23 -6.42 0.29 2.12
CA SER A 23 -6.71 -0.57 3.26
C SER A 23 -5.48 -1.33 3.71
N TYR A 24 -4.95 -2.18 2.82
CA TYR A 24 -3.78 -3.00 3.12
C TYR A 24 -2.52 -2.38 2.52
N PHE A 25 -2.67 -1.80 1.35
CA PHE A 25 -1.55 -1.19 0.64
C PHE A 25 -1.12 0.10 1.33
N GLN A 26 -2.11 0.85 1.80
CA GLN A 26 -1.85 2.10 2.48
C GLN A 26 -1.76 1.88 4.00
N ARG A 27 -2.35 0.78 4.47
CA ARG A 27 -2.34 0.43 5.88
C ARG A 27 -2.99 1.53 6.74
N LYS A 28 -4.28 1.36 7.02
CA LYS A 28 -5.02 2.31 7.83
C LYS A 28 -5.90 1.58 8.84
N PRO A 29 -5.30 1.12 9.96
CA PRO A 29 -6.03 0.40 11.01
C PRO A 29 -7.09 1.25 11.69
N LYS A 30 -6.71 2.48 12.06
CA LYS A 30 -7.63 3.40 12.72
C LYS A 30 -8.82 3.74 11.82
N LEU A 31 -9.98 3.21 12.16
CA LEU A 31 -11.20 3.46 11.39
C LEU A 31 -12.11 4.45 12.11
N THR A 32 -12.58 4.06 13.30
CA THR A 32 -13.45 4.92 14.09
C THR A 32 -12.71 6.14 14.62
N GLU A 33 -13.47 7.14 15.05
CA GLU A 33 -12.88 8.37 15.58
C GLU A 33 -12.56 8.21 17.07
N ALA A 34 -11.33 8.52 17.43
CA ALA A 34 -10.90 8.43 18.82
C ALA A 34 -10.28 9.75 19.29
N PRO A 35 -10.40 10.08 20.59
CA PRO A 35 -9.84 11.32 21.15
C PRO A 35 -8.36 11.49 20.82
N GLU A 1 16.76 -10.52 8.86
CA GLU A 1 16.55 -10.02 7.49
C GLU A 1 17.32 -8.72 7.26
N HIS A 2 17.75 -8.50 6.02
CA HIS A 2 18.50 -7.31 5.67
C HIS A 2 17.64 -6.33 4.87
N LYS A 3 16.54 -6.82 4.32
CA LYS A 3 15.64 -5.99 3.55
C LYS A 3 14.78 -5.11 4.45
N HIS A 4 14.39 -3.95 3.94
CA HIS A 4 13.57 -3.02 4.71
C HIS A 4 12.59 -2.26 3.81
N SER A 5 11.31 -2.31 4.16
CA SER A 5 10.27 -1.64 3.39
C SER A 5 10.23 -2.14 1.95
N ASP A 6 10.87 -3.27 1.70
CA ASP A 6 10.91 -3.86 0.35
C ASP A 6 11.60 -2.92 -0.62
N GLU A 7 10.85 -1.96 -1.16
CA GLU A 7 11.37 -0.99 -2.11
C GLU A 7 10.28 -0.02 -2.55
N SER A 8 9.17 -0.57 -3.06
CA SER A 8 8.04 0.23 -3.49
C SER A 8 6.83 -0.10 -2.64
N THR A 9 7.07 -0.90 -1.60
CA THR A 9 6.02 -1.33 -0.69
C THR A 9 4.82 -1.88 -1.45
N SER A 10 4.91 -3.13 -1.87
CA SER A 10 3.84 -3.79 -2.62
C SER A 10 3.57 -3.04 -3.92
N GLU A 11 4.60 -2.38 -4.44
CA GLU A 11 4.48 -1.62 -5.69
C GLU A 11 3.43 -0.53 -5.57
N SEP A 12 3.07 -0.19 -4.33
CA SEP A 12 2.07 0.84 -4.06
CB SEP A 12 2.45 2.16 -4.72
OG SEP A 12 3.68 2.64 -4.22
C SEP A 12 0.68 0.40 -4.51
O SEP A 12 -0.32 1.09 -4.25
P SEP A 12 4.50 3.36 -5.40
O1P SEP A 12 5.96 3.76 -4.88
O2P SEP A 12 4.78 2.29 -6.57
O3P SEP A 12 3.55 4.45 -6.11
H SEP A 12 3.49 -0.65 -3.57
HA SEP A 12 2.04 0.98 -2.98
HB2 SEP A 12 2.55 2.01 -5.79
HB3 SEP A 12 1.69 2.89 -4.54
N PHE A 13 0.61 -0.74 -5.20
CA PHE A 13 -0.66 -1.26 -5.70
C PHE A 13 -0.44 -2.59 -6.42
N GLU A 14 -1.31 -3.55 -6.16
CA GLU A 14 -1.22 -4.86 -6.76
C GLU A 14 -2.55 -5.60 -6.63
N SER A 15 -3.40 -5.10 -5.74
CA SER A 15 -4.71 -5.70 -5.51
C SER A 15 -5.79 -4.96 -6.29
N ILE A 16 -7.04 -5.13 -5.87
CA ILE A 16 -8.17 -4.48 -6.53
C ILE A 16 -8.08 -2.96 -6.42
N ALA A 17 -7.57 -2.47 -5.28
CA ALA A 17 -7.43 -1.05 -5.05
C ALA A 17 -8.78 -0.32 -5.12
N ASP A 18 -8.76 0.99 -4.91
CA ASP A 18 -9.98 1.80 -4.93
C ASP A 18 -10.88 1.41 -3.76
N ASN A 19 -10.38 0.49 -2.94
CA ASN A 19 -11.10 0.01 -1.78
C ASN A 19 -10.22 -0.98 -1.00
N ASN A 20 -9.05 -1.26 -1.56
CA ASN A 20 -8.10 -2.18 -0.93
C ASN A 20 -6.84 -1.45 -0.48
N ASP A 21 -6.17 -0.80 -1.42
CA ASP A 21 -4.94 -0.07 -1.14
C ASP A 21 -5.14 0.95 -0.02
N ASP A 22 -6.39 1.38 0.17
CA ASP A 22 -6.72 2.35 1.19
C ASP A 22 -6.41 1.82 2.59
N SER A 23 -6.12 0.52 2.67
CA SER A 23 -5.80 -0.12 3.94
C SER A 23 -4.89 -1.32 3.73
N TYR A 24 -4.34 -1.42 2.53
CA TYR A 24 -3.45 -2.52 2.17
C TYR A 24 -2.12 -1.97 1.67
N PHE A 25 -2.16 -0.80 1.04
CA PHE A 25 -0.96 -0.15 0.54
C PHE A 25 -0.47 0.88 1.56
N GLN A 26 -1.40 1.41 2.36
CA GLN A 26 -1.08 2.40 3.37
C GLN A 26 -1.51 1.90 4.75
N ARG A 27 -2.56 1.08 4.78
CA ARG A 27 -3.08 0.53 6.03
C ARG A 27 -3.50 1.65 6.98
N LYS A 28 -4.67 2.22 6.73
CA LYS A 28 -5.20 3.29 7.56
C LYS A 28 -6.65 3.03 7.95
N PRO A 29 -6.88 2.16 8.96
CA PRO A 29 -8.22 1.83 9.44
C PRO A 29 -8.90 3.03 10.10
N LYS A 30 -8.16 3.68 10.99
CA LYS A 30 -8.67 4.85 11.69
C LYS A 30 -7.90 6.09 11.26
N LEU A 31 -7.10 5.95 10.20
CA LEU A 31 -6.31 7.04 9.66
C LEU A 31 -5.40 7.62 10.74
N THR A 32 -4.21 7.04 10.89
CA THR A 32 -3.23 7.48 11.87
C THR A 32 -3.85 7.56 13.27
N GLU A 33 -3.09 8.08 14.22
CA GLU A 33 -3.55 8.21 15.60
C GLU A 33 -3.96 6.86 16.17
N ALA A 34 -4.57 6.89 17.35
CA ALA A 34 -5.02 5.65 18.01
C ALA A 34 -6.29 5.90 18.83
N PRO A 35 -7.11 4.86 19.01
CA PRO A 35 -8.36 4.97 19.77
C PRO A 35 -8.12 5.45 21.20
N GLU A 1 4.74 -4.27 -15.09
CA GLU A 1 3.82 -3.37 -14.38
C GLU A 1 4.55 -2.55 -13.33
N HIS A 2 5.34 -3.24 -12.50
CA HIS A 2 6.10 -2.57 -11.44
C HIS A 2 7.56 -2.42 -11.83
N LYS A 3 8.14 -1.25 -11.56
CA LYS A 3 9.53 -0.98 -11.88
C LYS A 3 10.45 -1.84 -11.02
N HIS A 4 11.49 -2.39 -11.64
CA HIS A 4 12.46 -3.22 -10.92
C HIS A 4 13.52 -2.36 -10.25
N SER A 5 13.48 -2.32 -8.92
CA SER A 5 14.44 -1.53 -8.15
C SER A 5 14.43 -1.94 -6.68
N ASP A 6 13.30 -2.48 -6.24
CA ASP A 6 13.14 -2.92 -4.86
C ASP A 6 13.39 -1.78 -3.89
N GLU A 7 12.32 -1.11 -3.47
CA GLU A 7 12.43 0.02 -2.54
C GLU A 7 11.19 0.10 -1.68
N SER A 8 10.07 0.45 -2.29
CA SER A 8 8.80 0.54 -1.60
C SER A 8 7.84 -0.49 -2.16
N THR A 9 8.35 -1.30 -3.09
CA THR A 9 7.56 -2.34 -3.72
C THR A 9 6.33 -1.75 -4.43
N SER A 10 6.44 -1.61 -5.75
CA SER A 10 5.36 -1.05 -6.55
C SER A 10 5.07 0.39 -6.14
N GLU A 11 6.04 1.01 -5.46
CA GLU A 11 5.91 2.39 -5.01
C GLU A 11 4.72 2.54 -4.06
N SEP A 12 4.18 1.42 -3.61
CA SEP A 12 3.03 1.42 -2.70
CB SEP A 12 3.46 1.93 -1.32
OG SEP A 12 4.48 1.13 -0.77
C SEP A 12 1.90 2.29 -3.26
O SEP A 12 1.53 3.30 -2.66
P SEP A 12 5.15 1.91 0.48
O1P SEP A 12 6.44 1.09 0.98
O2P SEP A 12 5.74 3.30 -0.04
O3P SEP A 12 3.98 2.33 1.51
H SEP A 12 4.56 0.55 -3.89
HA SEP A 12 2.68 0.41 -2.60
HB2 SEP A 12 3.83 2.95 -1.41
HB3 SEP A 12 2.60 1.92 -0.65
N PHE A 13 1.38 1.88 -4.41
CA PHE A 13 0.29 2.62 -5.05
C PHE A 13 -0.71 1.66 -5.68
N GLU A 14 -1.16 1.97 -6.90
CA GLU A 14 -2.12 1.14 -7.60
C GLU A 14 -3.39 0.97 -6.78
N SER A 15 -3.67 1.95 -5.94
CA SER A 15 -4.86 1.92 -5.08
C SER A 15 -6.13 1.80 -5.92
N ILE A 16 -7.12 1.08 -5.38
CA ILE A 16 -8.38 0.88 -6.09
C ILE A 16 -9.56 1.29 -5.20
N ALA A 17 -9.45 1.01 -3.91
CA ALA A 17 -10.51 1.35 -2.96
C ALA A 17 -9.98 1.38 -1.53
N ASP A 18 -9.99 0.22 -0.86
CA ASP A 18 -9.51 0.12 0.52
C ASP A 18 -9.49 -1.33 0.99
N ASN A 19 -9.41 -2.25 0.04
CA ASN A 19 -9.39 -3.67 0.35
C ASN A 19 -8.67 -4.46 -0.75
N ASN A 20 -8.28 -3.76 -1.80
CA ASN A 20 -7.61 -4.36 -2.93
C ASN A 20 -6.14 -3.96 -2.96
N ASP A 21 -5.90 -2.67 -2.74
CA ASP A 21 -4.56 -2.12 -2.76
C ASP A 21 -4.40 -1.06 -1.69
N ASP A 22 -5.41 -0.20 -1.55
CA ASP A 22 -5.39 0.87 -0.57
C ASP A 22 -5.75 0.31 0.82
N SER A 23 -5.29 -0.92 1.08
CA SER A 23 -5.55 -1.58 2.35
C SER A 23 -4.24 -2.04 2.99
N TYR A 24 -3.30 -2.49 2.17
CA TYR A 24 -2.01 -2.95 2.67
C TYR A 24 -0.85 -2.15 2.07
N PHE A 25 -1.19 -1.14 1.27
CA PHE A 25 -0.18 -0.29 0.65
C PHE A 25 -0.17 1.08 1.30
N GLN A 26 -1.37 1.64 1.49
CA GLN A 26 -1.51 2.96 2.11
C GLN A 26 -2.31 2.86 3.40
N ARG A 27 -3.35 2.04 3.38
CA ARG A 27 -4.21 1.84 4.54
C ARG A 27 -4.75 3.17 5.06
N LYS A 28 -5.88 3.60 4.50
CA LYS A 28 -6.50 4.86 4.91
C LYS A 28 -7.98 4.65 5.21
N PRO A 29 -8.31 4.08 6.39
CA PRO A 29 -9.70 3.84 6.79
C PRO A 29 -10.45 5.13 7.10
N LYS A 30 -9.88 5.94 7.98
CA LYS A 30 -10.49 7.22 8.36
C LYS A 30 -10.52 8.18 7.17
N LEU A 31 -11.63 8.91 7.05
CA LEU A 31 -11.79 9.87 5.97
C LEU A 31 -12.17 11.24 6.51
N THR A 32 -13.33 11.32 7.17
CA THR A 32 -13.81 12.57 7.74
C THR A 32 -14.73 12.30 8.93
N GLU A 33 -14.71 11.05 9.41
CA GLU A 33 -15.54 10.65 10.53
C GLU A 33 -15.09 11.33 11.83
N ALA A 34 -13.85 11.05 12.23
CA ALA A 34 -13.30 11.63 13.46
C ALA A 34 -13.34 13.16 13.43
N PRO A 35 -12.82 13.81 12.38
CA PRO A 35 -12.83 15.27 12.28
C PRO A 35 -14.24 15.83 12.04
N GLU A 1 6.99 14.80 -11.26
CA GLU A 1 6.28 13.83 -10.38
C GLU A 1 7.22 13.28 -9.32
N HIS A 2 6.67 13.00 -8.14
CA HIS A 2 7.47 12.46 -7.04
C HIS A 2 7.75 10.98 -7.26
N LYS A 3 8.59 10.42 -6.38
CA LYS A 3 8.97 9.01 -6.48
C LYS A 3 8.78 8.32 -5.13
N HIS A 4 9.51 8.79 -4.12
CA HIS A 4 9.43 8.21 -2.78
C HIS A 4 9.71 6.71 -2.81
N SER A 5 10.98 6.36 -2.62
CA SER A 5 11.40 4.96 -2.62
C SER A 5 11.26 4.34 -1.24
N ASP A 6 10.39 3.34 -1.12
CA ASP A 6 10.16 2.67 0.14
C ASP A 6 11.08 1.46 0.29
N GLU A 7 10.87 0.45 -0.55
CA GLU A 7 11.67 -0.76 -0.51
C GLU A 7 11.34 -1.65 -1.71
N SER A 8 10.11 -2.16 -1.73
CA SER A 8 9.66 -3.02 -2.82
C SER A 8 8.97 -2.18 -3.89
N THR A 9 8.64 -0.94 -3.53
CA THR A 9 7.98 -0.01 -4.44
C THR A 9 6.56 -0.47 -4.78
N SER A 10 6.17 -1.65 -4.28
CA SER A 10 4.85 -2.19 -4.52
C SER A 10 4.23 -2.72 -3.23
N GLU A 11 5.03 -2.71 -2.16
CA GLU A 11 4.58 -3.19 -0.85
C GLU A 11 4.11 -4.63 -0.93
N SEP A 12 2.82 -4.81 -1.18
CA SEP A 12 2.23 -6.14 -1.28
CB SEP A 12 2.02 -6.72 0.12
OG SEP A 12 1.68 -8.10 0.05
C SEP A 12 0.91 -6.11 -2.04
O SEP A 12 0.12 -7.04 -1.97
P SEP A 12 0.84 -8.50 1.36
O1P SEP A 12 1.57 -7.88 2.65
O2P SEP A 12 -0.58 -7.75 1.32
O3P SEP A 12 0.46 -10.06 1.29
H SEP A 12 2.25 -4.02 -1.30
HA SEP A 12 2.93 -6.76 -1.82
HB2 SEP A 12 2.93 -6.62 0.68
HB3 SEP A 12 1.22 -6.19 0.61
N PHE A 13 0.67 -5.02 -2.78
CA PHE A 13 -0.57 -4.88 -3.55
C PHE A 13 -0.46 -3.74 -4.55
N GLU A 14 -0.88 -4.00 -5.77
CA GLU A 14 -0.84 -3.00 -6.82
C GLU A 14 -1.91 -3.28 -7.86
N SER A 15 -2.96 -3.99 -7.43
CA SER A 15 -4.06 -4.34 -8.31
C SER A 15 -5.09 -3.21 -8.40
N ILE A 16 -6.37 -3.57 -8.41
CA ILE A 16 -7.45 -2.60 -8.50
C ILE A 16 -7.21 -1.41 -7.58
N ALA A 17 -7.09 -1.71 -6.29
CA ALA A 17 -6.85 -0.68 -5.28
C ALA A 17 -7.97 0.37 -5.28
N ASP A 18 -8.97 0.16 -4.41
CA ASP A 18 -10.09 1.09 -4.31
C ASP A 18 -10.94 0.76 -3.08
N ASN A 19 -10.49 -0.23 -2.33
CA ASN A 19 -11.18 -0.68 -1.14
C ASN A 19 -10.38 -1.77 -0.44
N ASN A 20 -9.10 -1.85 -0.79
CA ASN A 20 -8.21 -2.84 -0.22
C ASN A 20 -6.84 -2.22 0.05
N ASP A 21 -6.31 -1.53 -0.95
CA ASP A 21 -5.02 -0.86 -0.83
C ASP A 21 -5.10 0.19 0.26
N ASP A 22 -6.30 0.76 0.41
CA ASP A 22 -6.54 1.76 1.42
C ASP A 22 -6.67 1.09 2.78
N SER A 23 -6.24 -0.17 2.86
CA SER A 23 -6.31 -0.94 4.08
C SER A 23 -4.92 -1.34 4.56
N TYR A 24 -4.06 -1.77 3.62
CA TYR A 24 -2.70 -2.16 3.99
C TYR A 24 -1.66 -1.68 2.98
N PHE A 25 -2.06 -0.79 2.09
CA PHE A 25 -1.15 -0.26 1.08
C PHE A 25 -1.06 1.27 1.16
N GLN A 26 -2.11 1.88 1.71
CA GLN A 26 -2.17 3.33 1.85
C GLN A 26 -2.59 3.73 3.26
N ARG A 27 -3.15 2.77 4.01
CA ARG A 27 -3.61 3.02 5.36
C ARG A 27 -2.44 3.07 6.34
N LYS A 28 -1.53 4.03 6.12
CA LYS A 28 -0.36 4.19 7.00
C LYS A 28 -0.27 5.62 7.52
N PRO A 29 -1.07 5.95 8.55
CA PRO A 29 -1.08 7.29 9.15
C PRO A 29 0.20 7.60 9.93
N LYS A 30 1.06 6.59 10.05
CA LYS A 30 2.33 6.75 10.76
C LYS A 30 3.27 7.68 9.99
N LEU A 31 4.15 8.37 10.73
CA LEU A 31 5.10 9.28 10.12
C LEU A 31 6.51 8.69 10.14
N THR A 32 7.18 8.73 9.00
CA THR A 32 8.53 8.20 8.87
C THR A 32 8.64 6.78 9.42
N GLU A 33 9.86 6.34 9.68
CA GLU A 33 10.10 5.01 10.22
C GLU A 33 10.07 5.02 11.74
N ALA A 34 9.00 4.46 12.30
CA ALA A 34 8.84 4.40 13.75
C ALA A 34 9.20 3.02 14.31
N PRO A 35 8.64 1.93 13.75
CA PRO A 35 8.92 0.57 14.21
C PRO A 35 10.31 0.08 13.78
N GLU A 1 -8.87 -12.62 3.76
CA GLU A 1 -8.84 -12.66 5.24
C GLU A 1 -7.76 -13.61 5.75
N HIS A 2 -7.24 -14.44 4.85
CA HIS A 2 -6.19 -15.40 5.20
C HIS A 2 -4.81 -14.86 4.82
N LYS A 3 -3.77 -15.60 5.20
CA LYS A 3 -2.40 -15.21 4.90
C LYS A 3 -1.66 -16.31 4.13
N HIS A 4 -2.34 -17.44 3.92
CA HIS A 4 -1.75 -18.56 3.21
C HIS A 4 -2.03 -18.46 1.70
N SER A 5 -3.20 -17.95 1.36
CA SER A 5 -3.59 -17.80 -0.04
C SER A 5 -3.48 -16.35 -0.48
N ASP A 6 -2.90 -15.52 0.38
CA ASP A 6 -2.72 -14.10 0.08
C ASP A 6 -1.30 -13.66 0.38
N GLU A 7 -0.50 -13.50 -0.67
CA GLU A 7 0.89 -13.09 -0.53
C GLU A 7 1.51 -12.93 -1.91
N SER A 8 1.89 -11.71 -2.25
CA SER A 8 2.45 -11.44 -3.56
C SER A 8 1.39 -11.74 -4.61
N THR A 9 0.15 -11.90 -4.13
CA THR A 9 -0.98 -12.19 -4.97
C THR A 9 -1.03 -11.22 -6.15
N SER A 10 -0.55 -10.01 -5.89
CA SER A 10 -0.50 -8.97 -6.90
C SER A 10 0.45 -7.86 -6.47
N GLU A 11 1.06 -8.05 -5.29
CA GLU A 11 1.99 -7.07 -4.74
C GLU A 11 1.24 -5.79 -4.38
N SEP A 12 1.60 -5.21 -3.25
CA SEP A 12 0.96 -3.99 -2.80
CB SEP A 12 1.42 -3.65 -1.38
OG SEP A 12 1.00 -4.64 -0.46
C SEP A 12 1.28 -2.83 -3.74
O SEP A 12 2.19 -2.03 -3.49
P SEP A 12 2.20 -4.95 0.58
O1P SEP A 12 2.43 -3.66 1.52
O2P SEP A 12 1.71 -6.10 1.60
O3P SEP A 12 3.41 -5.63 -0.22
H SEP A 12 2.32 -5.60 -2.71
HA SEP A 12 -0.10 -4.15 -2.78
HB2 SEP A 12 2.50 -3.58 -1.35
HB3 SEP A 12 1.00 -2.70 -1.08
N PHE A 13 0.52 -2.76 -4.84
CA PHE A 13 0.71 -1.70 -5.82
C PHE A 13 -0.35 -1.76 -6.91
N GLU A 14 -0.10 -2.63 -7.86
CA GLU A 14 -1.00 -2.83 -8.99
C GLU A 14 -2.25 -3.62 -8.59
N SER A 15 -2.41 -3.84 -7.28
CA SER A 15 -3.55 -4.59 -6.77
C SER A 15 -4.87 -3.90 -7.15
N ILE A 16 -5.98 -4.49 -6.68
CA ILE A 16 -7.31 -3.96 -6.97
C ILE A 16 -7.41 -2.49 -6.58
N ALA A 17 -7.11 -2.20 -5.32
CA ALA A 17 -7.16 -0.83 -4.81
C ALA A 17 -8.54 -0.21 -5.00
N ASP A 18 -8.63 1.10 -4.76
CA ASP A 18 -9.90 1.83 -4.90
C ASP A 18 -10.92 1.37 -3.86
N ASN A 19 -10.49 0.44 -3.02
CA ASN A 19 -11.33 -0.11 -1.96
C ASN A 19 -10.52 -1.10 -1.12
N ASN A 20 -9.28 -1.32 -1.53
CA ASN A 20 -8.39 -2.25 -0.82
C ASN A 20 -7.13 -1.54 -0.35
N ASP A 21 -6.49 -0.82 -1.27
CA ASP A 21 -5.26 -0.09 -0.97
C ASP A 21 -5.45 0.89 0.18
N ASP A 22 -6.71 1.20 0.48
CA ASP A 22 -7.04 2.14 1.56
C ASP A 22 -6.43 1.69 2.89
N SER A 23 -6.30 0.38 3.07
CA SER A 23 -5.76 -0.19 4.30
C SER A 23 -4.83 -1.36 4.01
N TYR A 24 -4.61 -1.63 2.73
CA TYR A 24 -3.75 -2.74 2.32
C TYR A 24 -2.43 -2.21 1.76
N PHE A 25 -2.50 -1.09 1.05
CA PHE A 25 -1.31 -0.48 0.47
C PHE A 25 -0.97 0.81 1.20
N GLN A 26 -1.97 1.40 1.84
CA GLN A 26 -1.78 2.64 2.57
C GLN A 26 -1.92 2.42 4.08
N ARG A 27 -3.15 2.17 4.53
CA ARG A 27 -3.42 1.94 5.94
C ARG A 27 -2.75 3.02 6.81
N LYS A 28 -3.02 4.27 6.47
CA LYS A 28 -2.45 5.40 7.21
C LYS A 28 -0.94 5.27 7.38
N PRO A 29 -0.15 5.78 6.42
CA PRO A 29 1.31 5.70 6.48
C PRO A 29 1.91 6.60 7.55
N LYS A 30 3.24 6.77 7.50
CA LYS A 30 3.95 7.60 8.45
C LYS A 30 3.84 7.05 9.86
N LEU A 31 4.52 7.69 10.81
CA LEU A 31 4.49 7.26 12.21
C LEU A 31 3.59 8.16 13.03
N THR A 32 4.01 9.41 13.20
CA THR A 32 3.24 10.38 13.98
C THR A 32 3.28 11.76 13.33
N GLU A 33 4.46 12.37 13.31
CA GLU A 33 4.63 13.69 12.72
C GLU A 33 6.09 13.96 12.41
N ALA A 34 6.42 14.01 11.12
CA ALA A 34 7.79 14.27 10.69
C ALA A 34 7.88 15.61 9.96
N PRO A 35 9.05 16.28 10.04
CA PRO A 35 9.27 17.58 9.39
C PRO A 35 9.34 17.45 7.87
N GLU A 1 17.90 -7.98 0.56
CA GLU A 1 17.05 -7.43 1.63
C GLU A 1 15.97 -8.43 2.05
N HIS A 2 16.04 -8.87 3.30
CA HIS A 2 15.08 -9.83 3.81
C HIS A 2 14.12 -9.17 4.81
N LYS A 3 14.60 -8.11 5.46
CA LYS A 3 13.80 -7.40 6.44
C LYS A 3 12.54 -6.83 5.81
N HIS A 4 11.44 -6.85 6.56
CA HIS A 4 10.17 -6.35 6.08
C HIS A 4 10.06 -4.84 6.25
N SER A 5 11.15 -4.22 6.66
CA SER A 5 11.18 -2.77 6.87
C SER A 5 11.54 -2.05 5.57
N ASP A 6 10.57 -1.94 4.67
CA ASP A 6 10.78 -1.27 3.40
C ASP A 6 10.20 0.13 3.40
N GLU A 7 8.87 0.23 3.38
CA GLU A 7 8.19 1.52 3.39
C GLU A 7 6.69 1.34 3.64
N SER A 8 5.98 0.88 2.62
CA SER A 8 4.54 0.67 2.74
C SER A 8 4.25 -0.71 3.32
N THR A 9 5.31 -1.43 3.66
CA THR A 9 5.19 -2.76 4.24
C THR A 9 4.32 -3.67 3.38
N SER A 10 4.16 -3.31 2.11
CA SER A 10 3.34 -4.08 1.18
C SER A 10 3.54 -3.58 -0.25
N GLU A 11 4.60 -2.82 -0.47
CA GLU A 11 4.91 -2.29 -1.79
C GLU A 11 4.98 -3.41 -2.81
N SEP A 12 5.34 -4.58 -2.33
CA SEP A 12 5.46 -5.77 -3.17
CB SEP A 12 6.18 -6.88 -2.43
OG SEP A 12 6.44 -7.99 -3.27
C SEP A 12 4.08 -6.24 -3.61
O SEP A 12 3.92 -7.34 -4.15
P SEP A 12 7.98 -8.41 -3.16
O1P SEP A 12 8.32 -9.52 -4.27
O2P SEP A 12 8.90 -7.15 -3.57
O3P SEP A 12 8.35 -8.64 -1.60
H SEP A 12 5.54 -4.66 -1.37
HA SEP A 12 6.03 -5.50 -4.05
HB2 SEP A 12 7.13 -6.51 -2.06
HB3 SEP A 12 5.58 -7.22 -1.61
N PHE A 13 3.07 -5.41 -3.35
CA PHE A 13 1.70 -5.74 -3.71
C PHE A 13 1.07 -4.58 -4.49
N GLU A 14 -0.09 -4.84 -5.09
CA GLU A 14 -0.79 -3.83 -5.85
C GLU A 14 -2.18 -4.31 -6.24
N SER A 15 -3.12 -4.22 -5.30
CA SER A 15 -4.50 -4.65 -5.54
C SER A 15 -5.27 -3.59 -6.32
N ILE A 16 -6.59 -3.78 -6.42
CA ILE A 16 -7.44 -2.84 -7.15
C ILE A 16 -7.37 -1.44 -6.53
N ALA A 17 -7.03 -1.39 -5.25
CA ALA A 17 -6.92 -0.12 -4.52
C ALA A 17 -8.27 0.55 -4.37
N ASP A 18 -8.34 1.52 -3.44
CA ASP A 18 -9.58 2.26 -3.16
C ASP A 18 -10.61 1.37 -2.50
N ASN A 19 -10.21 0.16 -2.15
CA ASN A 19 -11.09 -0.80 -1.49
C ASN A 19 -10.31 -1.99 -0.95
N ASN A 20 -8.99 -1.89 -0.97
CA ASN A 20 -8.15 -2.97 -0.48
C ASN A 20 -6.77 -2.46 -0.06
N ASP A 21 -6.26 -1.49 -0.81
CA ASP A 21 -4.97 -0.90 -0.52
C ASP A 21 -5.03 -0.12 0.77
N ASP A 22 -6.15 0.57 0.98
CA ASP A 22 -6.35 1.34 2.20
C ASP A 22 -6.29 0.41 3.40
N SER A 23 -6.22 -0.89 3.13
CA SER A 23 -6.15 -1.89 4.18
C SER A 23 -4.71 -2.17 4.56
N TYR A 24 -3.81 -2.30 3.57
CA TYR A 24 -2.41 -2.58 3.88
C TYR A 24 -1.44 -1.92 2.91
N PHE A 25 -1.89 -1.56 1.72
CA PHE A 25 -1.01 -0.94 0.73
C PHE A 25 -1.09 0.59 0.84
N GLN A 26 -2.22 1.14 0.43
CA GLN A 26 -2.43 2.58 0.48
C GLN A 26 -2.36 3.10 1.92
N ARG A 27 -3.16 2.48 2.79
CA ARG A 27 -3.19 2.86 4.21
C ARG A 27 -3.55 4.34 4.38
N LYS A 28 -4.80 4.66 4.06
CA LYS A 28 -5.28 6.04 4.18
C LYS A 28 -6.63 6.07 4.91
N PRO A 29 -6.61 5.89 6.24
CA PRO A 29 -7.83 5.90 7.06
C PRO A 29 -8.58 7.22 6.98
N LYS A 30 -7.84 8.32 6.83
CA LYS A 30 -8.45 9.64 6.74
C LYS A 30 -7.82 10.47 5.63
N LEU A 31 -8.49 11.55 5.25
CA LEU A 31 -7.99 12.43 4.20
C LEU A 31 -8.73 13.76 4.20
N THR A 32 -10.01 13.73 4.55
CA THR A 32 -10.82 14.94 4.60
C THR A 32 -11.82 14.90 5.74
N GLU A 33 -11.68 13.91 6.62
CA GLU A 33 -12.58 13.76 7.76
C GLU A 33 -11.82 13.84 9.08
N ALA A 34 -10.51 13.57 9.01
CA ALA A 34 -9.65 13.60 10.20
C ALA A 34 -10.06 12.54 11.21
N PRO A 35 -9.11 12.05 12.03
CA PRO A 35 -9.39 11.03 13.05
C PRO A 35 -10.41 11.51 14.08
N GLU A 1 8.09 8.65 -14.79
CA GLU A 1 7.00 8.52 -13.78
C GLU A 1 6.95 7.10 -13.22
N HIS A 2 7.21 6.12 -14.08
CA HIS A 2 7.20 4.73 -13.66
C HIS A 2 8.60 4.24 -13.32
N LYS A 3 8.68 3.23 -12.46
CA LYS A 3 9.97 2.67 -12.04
C LYS A 3 10.84 3.73 -11.37
N HIS A 4 10.94 3.66 -10.05
CA HIS A 4 11.74 4.61 -9.29
C HIS A 4 12.56 3.91 -8.22
N SER A 5 11.87 3.28 -7.27
CA SER A 5 12.53 2.56 -6.18
C SER A 5 12.57 1.07 -6.47
N ASP A 6 11.39 0.45 -6.59
CA ASP A 6 11.29 -0.98 -6.85
C ASP A 6 10.29 -1.26 -7.95
N GLU A 7 9.08 -0.71 -7.81
CA GLU A 7 8.01 -0.90 -8.78
C GLU A 7 7.01 0.25 -8.73
N SER A 8 6.18 0.25 -7.69
CA SER A 8 5.18 1.29 -7.50
C SER A 8 5.68 2.33 -6.52
N THR A 9 7.00 2.47 -6.44
CA THR A 9 7.66 3.43 -5.54
C THR A 9 6.98 3.45 -4.16
N SER A 10 6.43 2.31 -3.76
CA SER A 10 5.77 2.19 -2.47
C SER A 10 6.10 0.85 -1.81
N GLU A 11 5.75 -0.24 -2.47
CA GLU A 11 6.01 -1.57 -1.95
C GLU A 11 5.73 -2.63 -3.01
N SEP A 12 4.45 -2.96 -3.15
CA SEP A 12 4.02 -3.97 -4.11
CB SEP A 12 3.66 -5.27 -3.41
OG SEP A 12 4.73 -5.74 -2.60
C SEP A 12 2.84 -3.47 -4.94
O SEP A 12 2.40 -4.12 -5.88
P SEP A 12 4.21 -6.95 -1.69
O1P SEP A 12 4.05 -8.26 -2.60
O2P SEP A 12 5.37 -7.35 -0.64
O3P SEP A 12 3.00 -6.43 -0.75
H SEP A 12 3.79 -2.53 -2.58
HA SEP A 12 4.84 -4.15 -4.79
HB2 SEP A 12 2.80 -5.10 -2.77
HB3 SEP A 12 3.41 -6.02 -4.14
N PHE A 13 2.33 -2.30 -4.56
CA PHE A 13 1.19 -1.69 -5.26
C PHE A 13 1.09 -0.22 -4.90
N GLU A 14 -0.07 0.38 -5.15
CA GLU A 14 -0.28 1.78 -4.85
C GLU A 14 -1.77 2.13 -4.88
N SER A 15 -2.48 1.59 -5.87
CA SER A 15 -3.91 1.86 -5.99
C SER A 15 -4.54 0.95 -7.04
N ILE A 16 -5.68 0.36 -6.67
CA ILE A 16 -6.41 -0.54 -7.57
C ILE A 16 -7.91 -0.29 -7.48
N ALA A 17 -8.33 0.29 -6.36
CA ALA A 17 -9.74 0.59 -6.13
C ALA A 17 -9.93 1.42 -4.86
N ASP A 18 -10.31 0.75 -3.77
CA ASP A 18 -10.53 1.42 -2.48
C ASP A 18 -10.99 0.43 -1.42
N ASN A 19 -10.66 -0.85 -1.62
CA ASN A 19 -11.05 -1.89 -0.68
C ASN A 19 -9.86 -2.77 -0.31
N ASN A 20 -8.74 -2.59 -1.00
CA ASN A 20 -7.54 -3.38 -0.74
C ASN A 20 -6.31 -2.48 -0.65
N ASP A 21 -6.04 -1.76 -1.72
CA ASP A 21 -4.90 -0.85 -1.77
C ASP A 21 -5.00 0.17 -0.66
N ASP A 22 -6.19 0.72 -0.48
CA ASP A 22 -6.44 1.69 0.56
C ASP A 22 -6.76 0.97 1.86
N SER A 23 -6.40 -0.31 1.93
CA SER A 23 -6.65 -1.12 3.11
C SER A 23 -5.36 -1.43 3.85
N TYR A 24 -4.33 -1.85 3.11
CA TYR A 24 -3.05 -2.16 3.73
C TYR A 24 -1.87 -1.67 2.91
N PHE A 25 -2.14 -1.01 1.79
CA PHE A 25 -1.09 -0.47 0.93
C PHE A 25 -1.01 1.04 1.07
N GLN A 26 -2.14 1.66 1.42
CA GLN A 26 -2.21 3.10 1.59
C GLN A 26 -2.76 3.45 2.97
N ARG A 27 -3.47 2.51 3.58
CA ARG A 27 -4.04 2.72 4.91
C ARG A 27 -2.97 2.52 5.98
N LYS A 28 -1.93 3.33 5.93
CA LYS A 28 -0.83 3.25 6.88
C LYS A 28 -0.23 1.84 6.91
N PRO A 29 0.69 1.53 5.99
CA PRO A 29 1.33 0.22 5.91
C PRO A 29 2.59 0.13 6.78
N LYS A 30 2.52 -0.69 7.82
CA LYS A 30 3.65 -0.89 8.71
C LYS A 30 3.64 -2.29 9.30
N LEU A 31 2.61 -3.05 8.94
CA LEU A 31 2.45 -4.42 9.41
C LEU A 31 2.74 -4.56 10.89
N THR A 32 2.38 -3.53 11.67
CA THR A 32 2.60 -3.56 13.11
C THR A 32 1.68 -2.57 13.83
N GLU A 33 1.83 -2.47 15.14
CA GLU A 33 1.02 -1.56 15.94
C GLU A 33 1.90 -0.67 16.81
N ALA A 34 1.30 0.38 17.38
CA ALA A 34 2.04 1.30 18.23
C ALA A 34 2.57 0.58 19.48
N PRO A 35 3.71 1.05 20.04
CA PRO A 35 4.32 0.44 21.23
C PRO A 35 3.47 0.67 22.49
N GLU A 1 4.87 12.46 2.02
CA GLU A 1 5.55 13.02 0.83
C GLU A 1 5.65 11.98 -0.28
N HIS A 2 5.36 12.41 -1.50
CA HIS A 2 5.42 11.52 -2.66
C HIS A 2 6.15 12.18 -3.82
N LYS A 3 7.41 11.82 -4.01
CA LYS A 3 8.21 12.38 -5.10
C LYS A 3 8.54 11.32 -6.14
N HIS A 4 8.09 10.08 -5.89
CA HIS A 4 8.33 8.97 -6.80
C HIS A 4 9.81 8.71 -6.97
N SER A 5 10.15 7.69 -7.76
CA SER A 5 11.55 7.34 -8.00
C SER A 5 11.69 6.52 -9.27
N ASP A 6 10.59 5.92 -9.71
CA ASP A 6 10.58 5.10 -10.92
C ASP A 6 11.53 3.92 -10.80
N GLU A 7 10.98 2.74 -10.54
CA GLU A 7 11.78 1.53 -10.39
C GLU A 7 10.92 0.29 -10.60
N SER A 8 9.84 0.18 -9.82
CA SER A 8 8.92 -0.94 -9.92
C SER A 8 7.60 -0.47 -10.49
N THR A 9 7.51 0.84 -10.73
CA THR A 9 6.31 1.47 -11.28
C THR A 9 5.07 1.09 -10.49
N SER A 10 5.26 0.68 -9.23
CA SER A 10 4.14 0.30 -8.38
C SER A 10 4.57 0.21 -6.92
N GLU A 11 5.84 0.50 -6.67
CA GLU A 11 6.40 0.45 -5.32
C GLU A 11 6.30 -0.96 -4.73
N SEP A 12 5.17 -1.27 -4.14
CA SEP A 12 4.93 -2.58 -3.55
CB SEP A 12 4.19 -2.44 -2.22
OG SEP A 12 3.98 -3.70 -1.62
C SEP A 12 4.15 -3.48 -4.49
O SEP A 12 4.68 -4.44 -5.04
P SEP A 12 3.05 -3.52 -0.31
O1P SEP A 12 3.78 -2.52 0.72
O2P SEP A 12 1.71 -2.73 -0.74
O3P SEP A 12 2.52 -4.96 0.16
H SEP A 12 4.46 -0.59 -4.11
HA SEP A 12 5.89 -3.03 -3.37
HB2 SEP A 12 4.77 -1.82 -1.55
HB3 SEP A 12 3.23 -1.97 -2.40
N PHE A 13 2.88 -3.15 -4.65
CA PHE A 13 1.99 -3.92 -5.51
C PHE A 13 0.63 -3.23 -5.63
N GLU A 14 0.34 -2.68 -6.80
CA GLU A 14 -0.92 -2.00 -7.02
C GLU A 14 -2.02 -3.01 -7.36
N SER A 15 -2.55 -3.65 -6.33
CA SER A 15 -3.61 -4.64 -6.51
C SER A 15 -4.91 -3.96 -6.96
N ILE A 16 -6.04 -4.57 -6.63
CA ILE A 16 -7.34 -4.02 -7.00
C ILE A 16 -7.45 -2.55 -6.59
N ALA A 17 -7.20 -2.28 -5.32
CA ALA A 17 -7.26 -0.92 -4.80
C ALA A 17 -8.63 -0.29 -5.03
N ASP A 18 -8.69 1.03 -4.89
CA ASP A 18 -9.94 1.77 -5.07
C ASP A 18 -10.96 1.34 -4.02
N ASN A 19 -10.50 0.48 -3.12
CA ASN A 19 -11.32 -0.06 -2.04
C ASN A 19 -10.48 -1.03 -1.22
N ASN A 20 -9.25 -1.26 -1.68
CA ASN A 20 -8.34 -2.17 -1.01
C ASN A 20 -7.12 -1.44 -0.47
N ASP A 21 -6.52 -0.60 -1.31
CA ASP A 21 -5.34 0.17 -0.93
C ASP A 21 -5.64 1.11 0.24
N ASP A 22 -6.92 1.29 0.54
CA ASP A 22 -7.35 2.18 1.62
C ASP A 22 -6.97 1.61 2.99
N SER A 23 -6.20 0.53 3.01
CA SER A 23 -5.79 -0.08 4.28
C SER A 23 -4.71 -1.14 4.06
N TYR A 24 -4.77 -1.82 2.91
CA TYR A 24 -3.81 -2.86 2.58
C TYR A 24 -2.52 -2.27 2.00
N PHE A 25 -2.65 -1.23 1.20
CA PHE A 25 -1.48 -0.58 0.59
C PHE A 25 -0.95 0.53 1.48
N GLN A 26 -1.87 1.38 1.95
CA GLN A 26 -1.50 2.49 2.80
C GLN A 26 -1.13 2.01 4.20
N ARG A 27 -1.99 1.16 4.76
CA ARG A 27 -1.77 0.62 6.11
C ARG A 27 -1.70 1.72 7.15
N LYS A 28 -2.83 1.96 7.82
CA LYS A 28 -2.91 3.00 8.85
C LYS A 28 -3.47 2.41 10.16
N PRO A 29 -2.63 1.69 10.91
CA PRO A 29 -3.04 1.08 12.19
C PRO A 29 -3.32 2.11 13.27
N LYS A 30 -2.88 3.35 13.04
CA LYS A 30 -3.09 4.42 14.00
C LYS A 30 -4.46 5.07 13.83
N LEU A 31 -5.18 4.59 12.83
CA LEU A 31 -6.52 5.10 12.53
C LEU A 31 -6.50 6.60 12.26
N THR A 32 -6.63 7.40 13.32
CA THR A 32 -6.64 8.86 13.18
C THR A 32 -6.23 9.55 14.48
N GLU A 33 -5.37 10.56 14.36
CA GLU A 33 -4.89 11.32 15.51
C GLU A 33 -4.32 10.40 16.58
N ALA A 34 -3.02 10.13 16.50
CA ALA A 34 -2.35 9.27 17.47
C ALA A 34 -0.84 9.27 17.25
N PRO A 35 -0.04 9.20 18.34
CA PRO A 35 1.42 9.19 18.25
C PRO A 35 1.95 7.88 17.67
N GLU A 1 11.21 2.32 -17.07
CA GLU A 1 11.49 3.77 -16.94
C GLU A 1 12.26 4.05 -15.65
N HIS A 2 12.45 3.02 -14.84
CA HIS A 2 13.17 3.16 -13.58
C HIS A 2 13.83 1.84 -13.19
N LYS A 3 13.45 0.77 -13.89
CA LYS A 3 13.99 -0.57 -13.64
C LYS A 3 13.56 -1.10 -12.26
N HIS A 4 12.88 -0.27 -11.48
CA HIS A 4 12.42 -0.66 -10.16
C HIS A 4 11.00 -0.16 -9.91
N SER A 5 10.79 1.13 -10.15
CA SER A 5 9.48 1.73 -9.95
C SER A 5 9.01 1.59 -8.51
N ASP A 6 9.96 1.31 -7.61
CA ASP A 6 9.64 1.15 -6.19
C ASP A 6 10.76 1.71 -5.33
N GLU A 7 11.01 1.06 -4.20
CA GLU A 7 12.06 1.48 -3.27
C GLU A 7 12.20 0.45 -2.18
N SER A 8 11.28 0.48 -1.23
CA SER A 8 11.27 -0.50 -0.15
C SER A 8 10.75 -1.81 -0.71
N THR A 9 9.78 -1.69 -1.63
CA THR A 9 9.15 -2.82 -2.29
C THR A 9 7.88 -2.39 -3.01
N SER A 10 7.18 -1.42 -2.44
CA SER A 10 5.95 -0.90 -3.02
C SER A 10 5.63 0.50 -2.50
N GLU A 11 6.36 0.89 -1.44
CA GLU A 11 6.16 2.20 -0.83
C GLU A 11 4.71 2.40 -0.39
N SEP A 12 3.96 3.20 -1.13
CA SEP A 12 2.57 3.46 -0.82
CB SEP A 12 2.45 4.34 0.42
OG SEP A 12 3.26 5.50 0.31
C SEP A 12 1.85 4.12 -2.00
O SEP A 12 1.51 5.30 -1.96
P SEP A 12 4.11 5.69 1.66
O1P SEP A 12 3.10 5.86 2.89
O2P SEP A 12 4.89 4.31 1.97
O3P SEP A 12 5.29 6.75 1.39
H SEP A 12 4.38 3.64 -1.92
HA SEP A 12 2.10 2.51 -0.62
HB2 SEP A 12 1.42 4.65 0.55
HB3 SEP A 12 2.77 3.78 1.29
N PHE A 13 1.64 3.34 -3.06
CA PHE A 13 0.95 3.83 -4.25
C PHE A 13 0.42 2.67 -5.09
N GLU A 14 0.23 2.90 -6.38
CA GLU A 14 -0.27 1.86 -7.27
C GLU A 14 -1.63 1.36 -6.79
N SER A 15 -2.55 2.30 -6.58
CA SER A 15 -3.90 1.96 -6.13
C SER A 15 -4.62 1.09 -7.15
N ILE A 16 -5.55 0.28 -6.66
CA ILE A 16 -6.33 -0.61 -7.52
C ILE A 16 -7.78 -0.14 -7.63
N ALA A 17 -8.37 0.22 -6.49
CA ALA A 17 -9.73 0.69 -6.45
C ALA A 17 -9.94 1.69 -5.31
N ASP A 18 -10.48 1.23 -4.18
CA ASP A 18 -10.72 2.09 -3.04
C ASP A 18 -11.32 1.30 -1.88
N ASN A 19 -11.11 0.00 -1.89
CA ASN A 19 -11.64 -0.87 -0.84
C ASN A 19 -10.55 -1.77 -0.27
N ASN A 20 -9.46 -1.94 -1.02
CA ASN A 20 -8.35 -2.78 -0.58
C ASN A 20 -7.07 -1.95 -0.43
N ASP A 21 -6.59 -1.42 -1.55
CA ASP A 21 -5.37 -0.60 -1.55
C ASP A 21 -5.45 0.49 -0.48
N ASP A 22 -6.65 1.02 -0.30
CA ASP A 22 -6.88 2.05 0.70
C ASP A 22 -7.11 1.41 2.06
N SER A 23 -6.49 0.25 2.28
CA SER A 23 -6.65 -0.46 3.54
C SER A 23 -5.34 -1.10 3.99
N TYR A 24 -4.63 -1.76 3.06
CA TYR A 24 -3.38 -2.43 3.40
C TYR A 24 -2.19 -1.83 2.66
N PHE A 25 -2.44 -0.93 1.72
CA PHE A 25 -1.36 -0.32 0.95
C PHE A 25 -0.90 1.00 1.57
N GLN A 26 -1.83 1.73 2.16
CA GLN A 26 -1.50 3.01 2.78
C GLN A 26 -2.13 3.16 4.15
N ARG A 27 -3.10 2.31 4.46
CA ARG A 27 -3.77 2.36 5.76
C ARG A 27 -3.14 1.37 6.74
N LYS A 28 -1.93 1.68 7.16
CA LYS A 28 -1.21 0.83 8.09
C LYS A 28 -0.82 1.60 9.35
N PRO A 29 -1.78 1.83 10.28
CA PRO A 29 -1.52 2.55 11.52
C PRO A 29 -0.73 1.69 12.52
N LYS A 30 -0.76 0.38 12.32
CA LYS A 30 -0.06 -0.54 13.19
C LYS A 30 1.10 -1.20 12.45
N LEU A 31 1.76 -2.15 13.12
CA LEU A 31 2.89 -2.87 12.53
C LEU A 31 2.42 -4.15 11.84
N THR A 32 3.37 -4.89 11.29
CA THR A 32 3.04 -6.13 10.60
C THR A 32 2.66 -7.23 11.59
N GLU A 33 3.67 -7.84 12.22
CA GLU A 33 3.44 -8.91 13.19
C GLU A 33 2.69 -10.07 12.55
N ALA A 34 1.36 -9.98 12.53
CA ALA A 34 0.52 -11.02 11.95
C ALA A 34 -0.88 -10.49 11.68
N PRO A 35 -1.14 -9.99 10.46
CA PRO A 35 -2.46 -9.45 10.09
C PRO A 35 -3.50 -10.56 9.90
N GLU A 1 7.38 -17.53 -3.30
CA GLU A 1 8.74 -17.71 -2.74
C GLU A 1 9.81 -17.52 -3.82
N HIS A 2 9.37 -17.49 -5.08
CA HIS A 2 10.29 -17.33 -6.19
C HIS A 2 10.52 -15.85 -6.49
N LYS A 3 9.47 -15.18 -6.96
CA LYS A 3 9.55 -13.75 -7.30
C LYS A 3 9.43 -12.89 -6.04
N HIS A 4 10.42 -12.03 -5.83
CA HIS A 4 10.42 -11.14 -4.67
C HIS A 4 10.02 -9.72 -5.08
N SER A 5 10.37 -9.36 -6.31
CA SER A 5 10.04 -8.03 -6.84
C SER A 5 10.70 -6.93 -6.02
N ASP A 6 11.76 -6.33 -6.57
CA ASP A 6 12.47 -5.26 -5.88
C ASP A 6 12.77 -4.11 -6.84
N GLU A 7 12.00 -3.04 -6.73
CA GLU A 7 12.18 -1.87 -7.58
C GLU A 7 11.46 -0.65 -6.99
N SER A 8 10.14 -0.65 -7.11
CA SER A 8 9.33 0.45 -6.59
C SER A 8 8.73 0.06 -5.25
N THR A 9 9.04 -1.16 -4.79
CA THR A 9 8.55 -1.68 -3.52
C THR A 9 7.03 -1.51 -3.40
N SER A 10 6.35 -1.41 -4.54
CA SER A 10 4.90 -1.26 -4.54
C SER A 10 4.33 -1.54 -5.93
N GLU A 11 5.22 -1.75 -6.90
CA GLU A 11 4.79 -2.04 -8.27
C GLU A 11 3.98 -0.89 -8.86
N SEP A 12 3.94 0.22 -8.14
CA SEP A 12 3.20 1.39 -8.58
CB SEP A 12 3.88 2.04 -9.79
OG SEP A 12 5.15 2.54 -9.44
C SEP A 12 1.76 1.02 -8.94
O SEP A 12 1.37 1.01 -10.11
P SEP A 12 5.64 3.59 -10.57
O1P SEP A 12 4.56 4.79 -10.66
O2P SEP A 12 6.99 4.31 -10.09
O3P SEP A 12 6.08 2.78 -11.89
H SEP A 12 4.43 0.27 -7.29
HA SEP A 12 3.18 2.11 -7.78
HB2 SEP A 12 4.00 1.31 -10.58
HB3 SEP A 12 3.27 2.86 -10.17
N PHE A 13 0.97 0.70 -7.90
CA PHE A 13 -0.42 0.32 -8.07
C PHE A 13 -0.55 -1.03 -8.77
N GLU A 14 -1.36 -1.91 -8.19
CA GLU A 14 -1.57 -3.23 -8.76
C GLU A 14 -2.76 -3.90 -8.08
N SER A 15 -3.64 -3.08 -7.52
CA SER A 15 -4.82 -3.58 -6.83
C SER A 15 -6.09 -2.89 -7.33
N ILE A 16 -7.22 -3.22 -6.69
CA ILE A 16 -8.50 -2.63 -7.06
C ILE A 16 -8.73 -1.30 -6.34
N ALA A 17 -8.04 -1.14 -5.21
CA ALA A 17 -8.15 0.07 -4.41
C ALA A 17 -9.56 0.25 -3.85
N ASP A 18 -9.70 1.18 -2.92
CA ASP A 18 -10.99 1.47 -2.28
C ASP A 18 -11.45 0.28 -1.44
N ASN A 19 -10.59 -0.71 -1.32
CA ASN A 19 -10.90 -1.90 -0.55
C ASN A 19 -9.65 -2.77 -0.33
N ASN A 20 -8.51 -2.29 -0.82
CA ASN A 20 -7.26 -3.04 -0.67
C ASN A 20 -6.05 -2.11 -0.62
N ASP A 21 -6.03 -1.10 -1.47
CA ASP A 21 -4.92 -0.15 -1.51
C ASP A 21 -4.75 0.52 -0.16
N ASP A 22 -5.87 0.69 0.55
CA ASP A 22 -5.84 1.30 1.87
C ASP A 22 -5.32 0.31 2.91
N SER A 23 -4.76 -0.79 2.42
CA SER A 23 -4.22 -1.83 3.31
C SER A 23 -2.74 -2.06 3.04
N TYR A 24 -2.33 -1.96 1.78
CA TYR A 24 -0.93 -2.19 1.42
C TYR A 24 -0.31 -0.97 0.75
N PHE A 25 -1.13 -0.21 0.03
CA PHE A 25 -0.65 0.98 -0.68
C PHE A 25 -0.55 2.15 0.27
N GLN A 26 -1.48 2.21 1.22
CA GLN A 26 -1.51 3.31 2.18
C GLN A 26 -1.26 2.78 3.60
N ARG A 27 -1.68 1.55 3.85
CA ARG A 27 -1.52 0.93 5.16
C ARG A 27 -2.16 1.77 6.26
N LYS A 28 -3.37 1.38 6.66
CA LYS A 28 -4.09 2.10 7.71
C LYS A 28 -4.60 1.13 8.77
N PRO A 29 -3.71 0.61 9.62
CA PRO A 29 -4.07 -0.33 10.69
C PRO A 29 -5.08 0.26 11.67
N LYS A 30 -5.06 1.58 11.79
CA LYS A 30 -5.97 2.28 12.70
C LYS A 30 -6.97 3.13 11.93
N LEU A 31 -7.84 3.83 12.65
CA LEU A 31 -8.84 4.68 12.02
C LEU A 31 -8.19 5.79 11.21
N THR A 32 -8.96 6.36 10.28
CA THR A 32 -8.46 7.42 9.43
C THR A 32 -8.91 8.78 9.91
N GLU A 33 -7.95 9.69 10.11
CA GLU A 33 -8.24 11.05 10.58
C GLU A 33 -8.86 11.03 11.97
N ALA A 34 -9.00 9.84 12.55
CA ALA A 34 -9.59 9.70 13.88
C ALA A 34 -10.97 10.35 13.95
N PRO A 35 -12.03 9.63 13.54
CA PRO A 35 -13.40 10.14 13.58
C PRO A 35 -13.87 10.48 14.99
N GLU A 1 3.56 2.92 -18.65
CA GLU A 1 4.59 2.63 -17.62
C GLU A 1 5.12 1.21 -17.77
N HIS A 2 6.38 1.10 -18.17
CA HIS A 2 7.01 -0.20 -18.36
C HIS A 2 8.49 -0.14 -17.96
N LYS A 3 8.79 -0.60 -16.75
CA LYS A 3 10.15 -0.61 -16.25
C LYS A 3 10.48 -1.92 -15.53
N HIS A 4 9.65 -2.26 -14.54
CA HIS A 4 9.84 -3.49 -13.76
C HIS A 4 11.21 -3.51 -13.10
N SER A 5 11.86 -2.35 -13.02
CA SER A 5 13.17 -2.24 -12.40
C SER A 5 13.42 -0.83 -11.91
N ASP A 6 12.36 -0.02 -11.87
CA ASP A 6 12.47 1.36 -11.41
C ASP A 6 12.99 1.42 -9.97
N GLU A 7 12.32 0.70 -9.07
CA GLU A 7 12.72 0.68 -7.67
C GLU A 7 11.96 -0.40 -6.92
N SER A 8 10.67 -0.17 -6.70
CA SER A 8 9.82 -1.13 -6.01
C SER A 8 8.84 -1.75 -6.99
N THR A 9 9.00 -1.40 -8.26
CA THR A 9 8.13 -1.91 -9.32
C THR A 9 6.67 -1.59 -9.00
N SER A 10 6.21 -0.45 -9.50
CA SER A 10 4.83 -0.01 -9.27
C SER A 10 4.52 0.06 -7.78
N GLU A 11 5.59 0.13 -6.97
CA GLU A 11 5.44 0.19 -5.52
C GLU A 11 4.63 -0.98 -4.99
N SEP A 12 3.35 -0.75 -4.74
CA SEP A 12 2.47 -1.79 -4.23
CB SEP A 12 2.56 -1.85 -2.70
OG SEP A 12 1.83 -2.95 -2.18
C SEP A 12 1.02 -1.53 -4.66
O SEP A 12 0.08 -2.01 -4.03
P SEP A 12 2.83 -3.88 -1.32
O1P SEP A 12 3.62 -2.96 -0.27
O2P SEP A 12 1.95 -4.88 -0.40
O3P SEP A 12 3.61 -4.86 -2.33
H SEP A 12 3.00 0.14 -4.90
HA SEP A 12 2.78 -2.74 -4.64
HB2 SEP A 12 3.59 -1.95 -2.41
HB3 SEP A 12 2.16 -0.93 -2.28
N PHE A 13 0.87 -0.78 -5.74
CA PHE A 13 -0.46 -0.45 -6.27
C PHE A 13 -0.80 -1.38 -7.43
N GLU A 14 -1.41 -0.83 -8.48
CA GLU A 14 -1.78 -1.61 -9.65
C GLU A 14 -2.74 -2.75 -9.26
N SER A 15 -3.32 -2.64 -8.08
CA SER A 15 -4.24 -3.66 -7.58
C SER A 15 -5.68 -3.14 -7.62
N ILE A 16 -6.59 -3.90 -7.01
CA ILE A 16 -8.00 -3.52 -6.97
C ILE A 16 -8.17 -2.13 -6.35
N ALA A 17 -7.67 -1.98 -5.13
CA ALA A 17 -7.74 -0.72 -4.41
C ALA A 17 -9.20 -0.29 -4.20
N ASP A 18 -9.37 0.90 -3.63
CA ASP A 18 -10.70 1.45 -3.35
C ASP A 18 -11.40 0.62 -2.28
N ASN A 19 -10.68 -0.36 -1.76
CA ASN A 19 -11.20 -1.25 -0.74
C ASN A 19 -10.11 -2.20 -0.26
N ASN A 20 -8.96 -2.14 -0.91
CA ASN A 20 -7.83 -3.01 -0.57
C ASN A 20 -6.58 -2.19 -0.27
N ASP A 21 -6.10 -1.47 -1.29
CA ASP A 21 -4.90 -0.65 -1.16
C ASP A 21 -5.01 0.36 -0.02
N ASP A 22 -6.23 0.58 0.46
CA ASP A 22 -6.45 1.51 1.56
C ASP A 22 -5.67 1.09 2.79
N SER A 23 -5.29 -0.18 2.84
CA SER A 23 -4.54 -0.74 3.97
C SER A 23 -3.55 -1.78 3.48
N TYR A 24 -3.41 -1.88 2.16
CA TYR A 24 -2.52 -2.84 1.53
C TYR A 24 -1.37 -2.13 0.81
N PHE A 25 -1.66 -0.94 0.30
CA PHE A 25 -0.67 -0.13 -0.39
C PHE A 25 -0.32 1.10 0.44
N GLN A 26 -1.25 1.50 1.31
CA GLN A 26 -1.06 2.66 2.17
C GLN A 26 -0.87 2.24 3.61
N ARG A 27 -1.81 1.44 4.13
CA ARG A 27 -1.75 0.96 5.50
C ARG A 27 -1.61 2.11 6.50
N LYS A 28 -2.74 2.63 6.95
CA LYS A 28 -2.74 3.74 7.91
C LYS A 28 -3.61 3.41 9.13
N PRO A 29 -3.05 2.64 10.09
CA PRO A 29 -3.78 2.26 11.30
C PRO A 29 -4.04 3.45 12.22
N LYS A 30 -3.00 4.23 12.48
CA LYS A 30 -3.11 5.41 13.33
C LYS A 30 -3.79 6.55 12.57
N LEU A 31 -4.79 7.16 13.20
CA LEU A 31 -5.52 8.26 12.59
C LEU A 31 -5.17 9.59 13.25
N THR A 32 -5.20 9.61 14.58
CA THR A 32 -4.89 10.81 15.34
C THR A 32 -4.36 10.46 16.73
N GLU A 33 -4.29 9.17 17.02
CA GLU A 33 -3.81 8.69 18.31
C GLU A 33 -2.30 8.93 18.44
N ALA A 34 -1.67 9.33 17.33
CA ALA A 34 -0.25 9.59 17.33
C ALA A 34 0.08 10.92 16.65
N PRO A 35 1.20 11.56 17.04
CA PRO A 35 1.61 12.85 16.46
C PRO A 35 2.15 12.71 15.04
N GLU A 1 13.12 -19.44 -8.08
CA GLU A 1 12.52 -18.99 -9.36
C GLU A 1 12.42 -17.47 -9.40
N HIS A 2 12.68 -16.84 -8.26
CA HIS A 2 12.61 -15.38 -8.16
C HIS A 2 13.93 -14.75 -8.54
N LYS A 3 13.87 -13.74 -9.42
CA LYS A 3 15.07 -13.04 -9.88
C LYS A 3 14.75 -11.58 -10.18
N HIS A 4 13.61 -11.35 -10.82
CA HIS A 4 13.19 -9.99 -11.19
C HIS A 4 11.75 -9.99 -11.67
N SER A 5 10.98 -8.99 -11.24
CA SER A 5 9.58 -8.88 -11.63
C SER A 5 9.27 -7.48 -12.15
N ASP A 6 9.65 -6.46 -11.37
CA ASP A 6 9.41 -5.08 -11.76
C ASP A 6 10.56 -4.17 -11.29
N GLU A 7 10.58 -3.89 -10.00
CA GLU A 7 11.62 -3.04 -9.41
C GLU A 7 11.44 -2.96 -7.90
N SER A 8 10.40 -2.26 -7.46
CA SER A 8 10.11 -2.12 -6.04
C SER A 8 9.08 -3.17 -5.62
N THR A 9 8.60 -3.94 -6.60
CA THR A 9 7.61 -4.99 -6.35
C THR A 9 6.33 -4.40 -5.75
N SER A 10 6.20 -3.08 -5.84
CA SER A 10 5.04 -2.39 -5.32
C SER A 10 4.60 -1.27 -6.26
N GLU A 11 5.55 -0.79 -7.07
CA GLU A 11 5.30 0.28 -8.02
C GLU A 11 4.85 1.56 -7.32
N SEP A 12 4.99 1.58 -5.99
CA SEP A 12 4.61 2.74 -5.19
CB SEP A 12 5.37 3.99 -5.66
OG SEP A 12 5.03 5.12 -4.86
C SEP A 12 3.11 3.00 -5.25
O SEP A 12 2.60 3.94 -4.62
P SEP A 12 6.28 5.47 -3.90
O1P SEP A 12 7.48 6.05 -4.80
O2P SEP A 12 5.87 6.70 -2.94
O3P SEP A 12 6.52 4.24 -2.88
H SEP A 12 5.35 0.79 -5.55
HA SEP A 12 4.88 2.53 -4.17
HB2 SEP A 12 6.43 3.82 -5.58
HB3 SEP A 12 5.11 4.20 -6.68
N PHE A 13 2.39 2.17 -6.00
CA PHE A 13 0.94 2.30 -6.14
C PHE A 13 0.37 1.16 -6.96
N GLU A 14 -0.66 0.51 -6.41
CA GLU A 14 -1.30 -0.61 -7.10
C GLU A 14 -2.76 -0.74 -6.66
N SER A 15 -3.61 0.12 -7.20
CA SER A 15 -5.03 0.09 -6.88
C SER A 15 -5.71 -1.08 -7.56
N ILE A 16 -6.43 -1.89 -6.78
CA ILE A 16 -7.13 -3.04 -7.30
C ILE A 16 -8.60 -3.01 -6.93
N ALA A 17 -8.92 -2.33 -5.84
CA ALA A 17 -10.29 -2.24 -5.36
C ALA A 17 -10.45 -1.09 -4.35
N ASP A 18 -11.23 -1.35 -3.30
CA ASP A 18 -11.47 -0.38 -2.26
C ASP A 18 -11.47 -1.08 -0.90
N ASN A 19 -10.76 -2.20 -0.86
CA ASN A 19 -10.65 -3.01 0.35
C ASN A 19 -9.21 -3.46 0.54
N ASN A 20 -8.50 -3.61 -0.57
CA ASN A 20 -7.10 -4.02 -0.53
C ASN A 20 -6.20 -2.80 -0.49
N ASP A 21 -6.39 -1.91 -1.46
CA ASP A 21 -5.60 -0.69 -1.53
C ASP A 21 -5.75 0.14 -0.25
N ASP A 22 -6.72 -0.24 0.57
CA ASP A 22 -6.97 0.45 1.84
C ASP A 22 -5.70 0.51 2.69
N SER A 23 -4.86 -0.53 2.56
CA SER A 23 -3.62 -0.61 3.31
C SER A 23 -2.47 -1.07 2.42
N TYR A 24 -2.81 -1.87 1.41
CA TYR A 24 -1.81 -2.40 0.48
C TYR A 24 -1.25 -1.29 -0.41
N PHE A 25 -2.02 -0.21 -0.54
CA PHE A 25 -1.61 0.94 -1.35
C PHE A 25 -1.59 2.21 -0.51
N GLN A 26 -2.57 2.34 0.38
CA GLN A 26 -2.66 3.51 1.24
C GLN A 26 -1.82 3.32 2.50
N ARG A 27 -1.83 2.09 3.03
CA ARG A 27 -1.06 1.76 4.22
C ARG A 27 -1.51 2.59 5.43
N LYS A 28 -2.46 2.05 6.18
CA LYS A 28 -2.97 2.74 7.37
C LYS A 28 -3.11 1.77 8.54
N PRO A 29 -1.99 1.30 9.10
CA PRO A 29 -1.99 0.37 10.22
C PRO A 29 -2.20 1.09 11.56
N LYS A 30 -1.89 0.41 12.65
CA LYS A 30 -2.03 0.99 13.98
C LYS A 30 -3.49 1.35 14.27
N LEU A 31 -3.74 1.85 15.48
CA LEU A 31 -5.09 2.24 15.88
C LEU A 31 -5.30 3.73 15.67
N THR A 32 -6.48 4.21 16.03
CA THR A 32 -6.82 5.63 15.87
C THR A 32 -6.48 6.40 17.14
N GLU A 33 -6.30 5.68 18.24
CA GLU A 33 -5.98 6.29 19.52
C GLU A 33 -4.49 6.59 19.61
N ALA A 34 -3.67 5.54 19.49
CA ALA A 34 -2.21 5.69 19.56
C ALA A 34 -1.66 6.31 18.28
N PRO A 35 -0.52 7.00 18.37
CA PRO A 35 0.11 7.64 17.20
C PRO A 35 0.85 6.65 16.32
N GLU A 1 11.26 -11.27 -18.36
CA GLU A 1 11.35 -12.52 -17.55
C GLU A 1 12.00 -12.24 -16.20
N HIS A 2 11.56 -12.96 -15.17
CA HIS A 2 12.10 -12.80 -13.82
C HIS A 2 11.97 -11.35 -13.35
N LYS A 3 12.67 -11.03 -12.26
CA LYS A 3 12.63 -9.67 -11.71
C LYS A 3 14.01 -9.24 -11.21
N HIS A 4 14.18 -7.94 -11.00
CA HIS A 4 15.45 -7.41 -10.51
C HIS A 4 15.43 -7.24 -9.00
N SER A 5 14.24 -7.06 -8.44
CA SER A 5 14.08 -6.89 -7.00
C SER A 5 12.70 -7.35 -6.54
N ASP A 6 11.66 -6.73 -7.07
CA ASP A 6 10.29 -7.08 -6.71
C ASP A 6 9.38 -7.03 -7.93
N GLU A 7 9.05 -5.82 -8.37
CA GLU A 7 8.19 -5.63 -9.53
C GLU A 7 8.22 -4.18 -9.97
N SER A 8 7.55 -3.33 -9.22
CA SER A 8 7.51 -1.90 -9.52
C SER A 8 8.42 -1.15 -8.57
N THR A 9 9.02 -1.89 -7.64
CA THR A 9 9.93 -1.31 -6.65
C THR A 9 9.22 -0.23 -5.83
N SER A 10 7.89 -0.28 -5.84
CA SER A 10 7.08 0.68 -5.10
C SER A 10 5.80 0.04 -4.60
N GLU A 11 5.14 -0.71 -5.47
CA GLU A 11 3.89 -1.39 -5.14
C GLU A 11 2.88 -0.40 -4.54
N SEP A 12 3.12 0.89 -4.76
CA SEP A 12 2.22 1.93 -4.25
CB SEP A 12 2.95 3.27 -4.17
OG SEP A 12 4.10 3.17 -3.35
C SEP A 12 1.00 2.04 -5.15
O SEP A 12 0.19 2.97 -5.00
P SEP A 12 4.06 4.35 -2.25
O1P SEP A 12 2.92 4.01 -1.17
O2P SEP A 12 5.43 4.31 -1.41
O3P SEP A 12 4.10 5.77 -3.00
H SEP A 12 3.91 1.15 -5.27
HA SEP A 12 1.91 1.63 -3.26
HB2 SEP A 12 3.25 3.57 -5.17
HB3 SEP A 12 2.29 4.01 -3.76
N PHE A 13 0.86 1.10 -6.07
CA PHE A 13 -0.26 1.10 -7.00
C PHE A 13 -0.26 -0.17 -7.85
N GLU A 14 -0.97 -0.14 -8.97
CA GLU A 14 -1.04 -1.28 -9.87
C GLU A 14 -1.66 -2.48 -9.17
N SER A 15 -2.75 -2.23 -8.45
CA SER A 15 -3.45 -3.29 -7.72
C SER A 15 -4.96 -3.11 -7.84
N ILE A 16 -5.71 -3.99 -7.19
CA ILE A 16 -7.17 -3.93 -7.22
C ILE A 16 -7.66 -2.60 -6.63
N ALA A 17 -7.14 -2.26 -5.46
CA ALA A 17 -7.52 -1.03 -4.76
C ALA A 17 -9.01 -0.99 -4.51
N ASP A 18 -9.49 0.14 -3.99
CA ASP A 18 -10.90 0.33 -3.67
C ASP A 18 -11.33 -0.63 -2.56
N ASN A 19 -10.35 -1.37 -2.05
CA ASN A 19 -10.56 -2.34 -0.99
C ASN A 19 -9.23 -2.94 -0.56
N ASN A 20 -8.19 -2.65 -1.35
CA ASN A 20 -6.86 -3.16 -1.08
C ASN A 20 -5.92 -2.05 -0.64
N ASP A 21 -5.82 -1.01 -1.47
CA ASP A 21 -4.95 0.12 -1.18
C ASP A 21 -5.32 0.78 0.14
N ASP A 22 -6.47 0.40 0.70
CA ASP A 22 -6.93 0.95 1.96
C ASP A 22 -5.94 0.66 3.09
N SER A 23 -5.00 -0.24 2.83
CA SER A 23 -3.99 -0.60 3.82
C SER A 23 -2.71 -1.05 3.13
N TYR A 24 -2.86 -1.76 2.03
CA TYR A 24 -1.73 -2.24 1.26
C TYR A 24 -0.92 -1.09 0.68
N PHE A 25 -1.57 0.05 0.51
CA PHE A 25 -0.92 1.23 -0.03
C PHE A 25 -0.84 2.36 1.00
N GLN A 26 -1.99 2.75 1.52
CA GLN A 26 -2.06 3.82 2.51
C GLN A 26 -1.52 3.36 3.86
N ARG A 27 -1.81 2.11 4.22
CA ARG A 27 -1.37 1.53 5.48
C ARG A 27 -2.01 2.24 6.67
N LYS A 28 -2.93 1.55 7.32
CA LYS A 28 -3.62 2.10 8.49
C LYS A 28 -3.39 1.24 9.73
N PRO A 29 -2.21 1.36 10.37
CA PRO A 29 -1.87 0.59 11.56
C PRO A 29 -2.26 1.32 12.85
N LYS A 30 -1.69 2.51 13.04
CA LYS A 30 -1.97 3.32 14.24
C LYS A 30 -1.53 2.59 15.51
N LEU A 31 -0.82 1.48 15.33
CA LEU A 31 -0.34 0.69 16.47
C LEU A 31 -1.46 0.40 17.46
N THR A 32 -1.09 0.16 18.72
CA THR A 32 -2.05 -0.13 19.78
C THR A 32 -2.77 -1.45 19.53
N GLU A 33 -3.78 -1.42 18.66
CA GLU A 33 -4.55 -2.61 18.35
C GLU A 33 -5.31 -2.43 17.03
N ALA A 34 -6.08 -1.35 16.95
CA ALA A 34 -6.86 -1.05 15.76
C ALA A 34 -7.75 -2.23 15.38
N PRO A 35 -8.94 -2.34 16.01
CA PRO A 35 -9.89 -3.44 15.74
C PRO A 35 -10.21 -3.57 14.25
N GLU A 1 13.84 -11.99 -11.90
CA GLU A 1 15.30 -12.14 -11.68
C GLU A 1 15.75 -11.41 -10.42
N HIS A 2 14.77 -10.94 -9.64
CA HIS A 2 15.06 -10.22 -8.40
C HIS A 2 15.87 -8.96 -8.68
N LYS A 3 15.91 -8.55 -9.95
CA LYS A 3 16.66 -7.37 -10.35
C LYS A 3 15.76 -6.12 -10.33
N HIS A 4 14.79 -6.09 -11.24
CA HIS A 4 13.87 -4.96 -11.32
C HIS A 4 12.51 -5.32 -10.74
N SER A 5 12.45 -6.47 -10.07
CA SER A 5 11.20 -6.94 -9.47
C SER A 5 11.17 -6.64 -7.98
N ASP A 6 12.21 -5.95 -7.50
CA ASP A 6 12.31 -5.60 -6.09
C ASP A 6 12.85 -4.19 -5.91
N GLU A 7 11.98 -3.25 -5.56
CA GLU A 7 12.37 -1.86 -5.35
C GLU A 7 11.26 -1.10 -4.64
N SER A 8 10.18 -0.84 -5.36
CA SER A 8 9.04 -0.12 -4.79
C SER A 8 7.84 -1.04 -4.68
N THR A 9 8.12 -2.35 -4.65
CA THR A 9 7.09 -3.38 -4.55
C THR A 9 5.85 -3.03 -5.37
N SER A 10 5.84 -3.47 -6.63
CA SER A 10 4.72 -3.21 -7.53
C SER A 10 4.55 -1.71 -7.76
N GLU A 11 5.59 -0.94 -7.46
CA GLU A 11 5.55 0.51 -7.64
C GLU A 11 4.41 1.14 -6.84
N SEP A 12 3.88 0.39 -5.87
CA SEP A 12 2.79 0.88 -5.03
CB SEP A 12 3.30 1.90 -4.01
OG SEP A 12 3.85 3.03 -4.66
C SEP A 12 1.68 1.49 -5.88
O SEP A 12 1.37 2.67 -5.75
P SEP A 12 4.25 4.13 -3.54
O1P SEP A 12 5.50 3.59 -2.69
O2P SEP A 12 4.81 5.45 -4.28
O3P SEP A 12 2.91 4.64 -2.81
H SEP A 12 4.24 -0.51 -5.72
HA SEP A 12 2.39 0.03 -4.50
HB2 SEP A 12 2.48 2.21 -3.38
HB3 SEP A 12 4.06 1.44 -3.39
N PHE A 13 1.09 0.68 -6.74
CA PHE A 13 0.01 1.14 -7.61
C PHE A 13 -0.93 -0.02 -7.95
N GLU A 14 -1.51 0.01 -9.15
CA GLU A 14 -2.43 -1.03 -9.59
C GLU A 14 -3.57 -1.19 -8.58
N SER A 15 -4.01 -0.07 -8.02
CA SER A 15 -5.10 -0.08 -7.04
C SER A 15 -6.29 -0.90 -7.54
N ILE A 16 -6.90 -1.65 -6.63
CA ILE A 16 -8.06 -2.48 -6.96
C ILE A 16 -9.29 -2.03 -6.20
N ALA A 17 -9.10 -1.54 -4.98
CA ALA A 17 -10.20 -1.08 -4.15
C ALA A 17 -9.70 -0.10 -3.09
N ASP A 18 -10.43 -0.02 -1.98
CA ASP A 18 -10.07 0.86 -0.88
C ASP A 18 -9.80 0.05 0.38
N ASN A 19 -9.77 -1.27 0.20
CA ASN A 19 -9.51 -2.19 1.28
C ASN A 19 -8.51 -3.26 0.85
N ASN A 20 -8.10 -3.18 -0.40
CA ASN A 20 -7.14 -4.12 -0.97
C ASN A 20 -5.88 -3.39 -1.41
N ASP A 21 -6.03 -2.10 -1.66
CA ASP A 21 -4.92 -1.27 -2.07
C ASP A 21 -4.51 -0.35 -0.92
N ASP A 22 -5.51 0.18 -0.23
CA ASP A 22 -5.27 1.04 0.91
C ASP A 22 -4.98 0.18 2.14
N SER A 23 -4.78 -1.12 1.88
CA SER A 23 -4.51 -2.08 2.94
C SER A 23 -3.02 -2.31 3.09
N TYR A 24 -2.34 -2.66 1.99
CA TYR A 24 -0.90 -2.92 2.05
C TYR A 24 -0.12 -2.15 0.97
N PHE A 25 -0.83 -1.56 0.01
CA PHE A 25 -0.15 -0.80 -1.05
C PHE A 25 0.03 0.66 -0.62
N GLN A 26 -0.98 1.20 0.06
CA GLN A 26 -0.92 2.58 0.53
C GLN A 26 -0.94 2.63 2.05
N ARG A 27 -1.62 1.67 2.65
CA ARG A 27 -1.72 1.59 4.11
C ARG A 27 -2.29 2.87 4.70
N LYS A 28 -3.62 2.92 4.82
CA LYS A 28 -4.31 4.08 5.37
C LYS A 28 -5.31 3.65 6.44
N PRO A 29 -4.83 3.39 7.67
CA PRO A 29 -5.68 2.97 8.79
C PRO A 29 -6.69 4.03 9.20
N LYS A 30 -6.32 5.30 9.00
CA LYS A 30 -7.20 6.41 9.35
C LYS A 30 -6.78 7.69 8.64
N LEU A 31 -7.61 8.72 8.76
CA LEU A 31 -7.34 10.01 8.14
C LEU A 31 -7.00 11.06 9.20
N THR A 32 -6.85 10.62 10.43
CA THR A 32 -6.54 11.51 11.54
C THR A 32 -5.03 11.62 11.76
N GLU A 33 -4.53 12.85 11.80
CA GLU A 33 -3.10 13.09 12.02
C GLU A 33 -2.82 13.35 13.50
N ALA A 34 -1.55 13.34 13.86
CA ALA A 34 -1.14 13.58 15.25
C ALA A 34 0.16 14.36 15.31
N PRO A 35 0.37 15.15 16.38
CA PRO A 35 1.59 15.96 16.55
C PRO A 35 2.82 15.09 16.78
N GLU A 1 4.01 -11.88 -10.11
CA GLU A 1 3.09 -10.71 -9.99
C GLU A 1 3.19 -10.09 -8.59
N HIS A 2 3.53 -10.91 -7.61
CA HIS A 2 3.66 -10.45 -6.23
C HIS A 2 4.93 -10.98 -5.59
N LYS A 3 5.44 -12.10 -6.12
CA LYS A 3 6.65 -12.72 -5.60
C LYS A 3 7.89 -12.23 -6.35
N HIS A 4 7.66 -11.41 -7.37
CA HIS A 4 8.76 -10.88 -8.18
C HIS A 4 9.00 -9.40 -7.84
N SER A 5 10.11 -9.14 -7.16
CA SER A 5 10.46 -7.77 -6.78
C SER A 5 11.83 -7.38 -7.33
N ASP A 6 11.84 -6.42 -8.25
CA ASP A 6 13.09 -5.97 -8.85
C ASP A 6 13.40 -4.53 -8.44
N GLU A 7 12.64 -3.59 -8.97
CA GLU A 7 12.84 -2.18 -8.67
C GLU A 7 11.68 -1.37 -9.24
N SER A 8 10.81 -0.89 -8.37
CA SER A 8 9.65 -0.13 -8.80
C SER A 8 8.78 -1.03 -9.67
N THR A 9 9.08 -2.33 -9.59
CA THR A 9 8.35 -3.34 -10.35
C THR A 9 6.85 -3.12 -10.18
N SER A 10 6.49 -2.58 -9.02
CA SER A 10 5.10 -2.28 -8.69
C SER A 10 5.03 -1.19 -7.65
N GLU A 11 6.21 -0.74 -7.18
CA GLU A 11 6.27 0.31 -6.17
C GLU A 11 5.58 -0.12 -4.88
N SEP A 12 5.42 0.82 -3.95
CA SEP A 12 4.77 0.53 -2.68
CB SEP A 12 5.44 1.33 -1.56
OG SEP A 12 4.88 1.00 -0.30
C SEP A 12 3.28 0.87 -2.75
O SEP A 12 2.68 1.26 -1.75
P SEP A 12 5.83 -0.05 0.45
O1P SEP A 12 5.10 -0.58 1.77
O2P SEP A 12 5.98 -1.37 -0.47
O3P SEP A 12 7.33 0.54 0.50
H SEP A 12 5.75 1.72 -4.14
HA SEP A 12 4.88 -0.52 -2.48
HB2 SEP A 12 6.49 1.10 -1.55
HB3 SEP A 12 5.30 2.38 -1.75
N PHE A 13 2.69 0.70 -3.94
CA PHE A 13 1.28 0.99 -4.13
C PHE A 13 0.80 0.50 -5.49
N GLU A 14 -0.50 0.28 -5.63
CA GLU A 14 -1.08 -0.18 -6.88
C GLU A 14 -2.58 0.08 -6.91
N SER A 15 -3.22 -0.06 -5.75
CA SER A 15 -4.66 0.14 -5.60
C SER A 15 -5.45 -0.65 -6.64
N ILE A 16 -6.01 -1.78 -6.21
CA ILE A 16 -6.79 -2.63 -7.08
C ILE A 16 -8.26 -2.26 -7.00
N ALA A 17 -8.65 -1.72 -5.85
CA ALA A 17 -10.04 -1.32 -5.62
C ALA A 17 -10.10 -0.14 -4.63
N ASP A 18 -10.62 -0.39 -3.42
CA ASP A 18 -10.73 0.64 -2.40
C ASP A 18 -11.38 0.09 -1.13
N ASN A 19 -11.18 -1.21 -0.89
CA ASN A 19 -11.75 -1.85 0.29
C ASN A 19 -10.71 -2.67 1.04
N ASN A 20 -9.54 -2.87 0.43
CA ASN A 20 -8.48 -3.64 1.06
C ASN A 20 -7.11 -3.21 0.54
N ASP A 21 -7.03 -2.99 -0.77
CA ASP A 21 -5.78 -2.56 -1.40
C ASP A 21 -5.25 -1.30 -0.74
N ASP A 22 -6.18 -0.41 -0.38
CA ASP A 22 -5.82 0.84 0.27
C ASP A 22 -5.52 0.61 1.74
N SER A 23 -5.20 -0.63 2.08
CA SER A 23 -4.90 -0.99 3.46
C SER A 23 -3.59 -1.79 3.55
N TYR A 24 -3.42 -2.76 2.67
CA TYR A 24 -2.22 -3.58 2.68
C TYR A 24 -1.19 -3.12 1.65
N PHE A 25 -1.45 -1.96 1.04
CA PHE A 25 -0.54 -1.40 0.04
C PHE A 25 -0.23 0.06 0.35
N GLN A 26 -1.26 0.85 0.56
CA GLN A 26 -1.10 2.28 0.86
C GLN A 26 -1.29 2.56 2.35
N ARG A 27 -2.04 1.69 3.01
CA ARG A 27 -2.31 1.84 4.44
C ARG A 27 -2.99 3.17 4.75
N LYS A 28 -4.27 3.26 4.42
CA LYS A 28 -5.05 4.47 4.68
C LYS A 28 -6.27 4.19 5.55
N PRO A 29 -6.07 4.05 6.87
CA PRO A 29 -7.16 3.78 7.81
C PRO A 29 -8.05 5.00 8.03
N LYS A 30 -7.44 6.18 7.99
CA LYS A 30 -8.16 7.43 8.18
C LYS A 30 -8.37 8.15 6.85
N LEU A 31 -9.42 8.97 6.79
CA LEU A 31 -9.74 9.71 5.57
C LEU A 31 -9.51 11.21 5.77
N THR A 32 -9.95 11.72 6.91
CA THR A 32 -9.80 13.13 7.23
C THR A 32 -8.85 13.33 8.40
N GLU A 33 -8.23 14.51 8.47
CA GLU A 33 -7.29 14.83 9.54
C GLU A 33 -8.03 15.03 10.87
N ALA A 34 -7.39 14.60 11.95
CA ALA A 34 -7.97 14.74 13.28
C ALA A 34 -6.90 14.68 14.37
N PRO A 35 -6.90 15.63 15.31
CA PRO A 35 -5.91 15.67 16.39
C PRO A 35 -6.20 14.65 17.48
N GLU A 1 2.18 -9.27 -25.02
CA GLU A 1 3.12 -8.17 -24.67
C GLU A 1 2.80 -7.60 -23.30
N HIS A 2 3.62 -7.95 -22.32
CA HIS A 2 3.43 -7.47 -20.95
C HIS A 2 4.77 -7.36 -20.23
N LYS A 3 5.00 -6.24 -19.55
CA LYS A 3 6.23 -6.02 -18.82
C LYS A 3 6.11 -4.83 -17.87
N HIS A 4 6.91 -4.85 -16.80
CA HIS A 4 6.88 -3.77 -15.81
C HIS A 4 8.05 -3.90 -14.84
N SER A 5 9.02 -3.00 -14.96
CA SER A 5 10.18 -3.00 -14.09
C SER A 5 10.81 -1.60 -14.02
N ASP A 6 10.15 -0.70 -13.31
CA ASP A 6 10.64 0.67 -13.16
C ASP A 6 11.77 0.73 -12.16
N GLU A 7 11.63 0.00 -11.06
CA GLU A 7 12.64 -0.04 -10.00
C GLU A 7 12.27 -1.08 -8.96
N SER A 8 11.24 -0.77 -8.18
CA SER A 8 10.77 -1.69 -7.14
C SER A 8 9.51 -2.40 -7.62
N THR A 9 9.27 -2.31 -8.93
CA THR A 9 8.11 -2.94 -9.56
C THR A 9 6.82 -2.58 -8.84
N SER A 10 6.20 -1.48 -9.27
CA SER A 10 4.95 -1.01 -8.68
C SER A 10 5.14 -0.63 -7.22
N GLU A 11 6.40 -0.61 -6.78
CA GLU A 11 6.73 -0.27 -5.39
C GLU A 11 5.94 -1.12 -4.40
N SEP A 12 4.81 -0.60 -3.95
CA SEP A 12 3.97 -1.32 -3.00
CB SEP A 12 4.59 -1.27 -1.61
OG SEP A 12 3.82 -2.02 -0.68
C SEP A 12 2.56 -0.71 -2.97
O SEP A 12 1.82 -0.89 -2.00
P SEP A 12 4.61 -3.39 -0.34
O1P SEP A 12 5.96 -3.03 0.46
O2P SEP A 12 3.74 -4.23 0.73
O3P SEP A 12 4.63 -4.32 -1.65
H SEP A 12 4.54 0.28 -4.27
HA SEP A 12 3.90 -2.35 -3.32
HB2 SEP A 12 5.59 -1.68 -1.64
HB3 SEP A 12 4.63 -0.24 -1.27
N PHE A 13 2.20 0.00 -4.04
CA PHE A 13 0.89 0.63 -4.12
C PHE A 13 0.41 0.68 -5.56
N GLU A 14 -0.89 0.47 -5.76
CA GLU A 14 -1.49 0.49 -7.08
C GLU A 14 -2.99 0.69 -6.98
N SER A 15 -3.53 0.42 -5.79
CA SER A 15 -4.96 0.57 -5.53
C SER A 15 -5.80 -0.10 -6.62
N ILE A 16 -6.15 -1.36 -6.37
CA ILE A 16 -6.96 -2.12 -7.32
C ILE A 16 -8.41 -1.68 -7.24
N ALA A 17 -8.85 -1.28 -6.05
CA ALA A 17 -10.22 -0.84 -5.85
C ALA A 17 -10.33 0.04 -4.60
N ASP A 18 -10.73 -0.56 -3.48
CA ASP A 18 -10.88 0.16 -2.22
C ASP A 18 -11.39 -0.77 -1.12
N ASN A 19 -11.13 -2.07 -1.28
CA ASN A 19 -11.59 -3.05 -0.30
C ASN A 19 -10.43 -3.96 0.13
N ASN A 20 -9.23 -3.64 -0.33
CA ASN A 20 -8.05 -4.43 0.01
C ASN A 20 -6.78 -3.57 -0.01
N ASP A 21 -6.41 -3.13 -1.21
CA ASP A 21 -5.23 -2.30 -1.38
C ASP A 21 -5.33 -1.05 -0.51
N ASP A 22 -6.55 -0.61 -0.30
CA ASP A 22 -6.80 0.56 0.53
C ASP A 22 -6.77 0.16 2.00
N SER A 23 -6.07 -0.95 2.28
CA SER A 23 -5.97 -1.46 3.64
C SER A 23 -4.51 -1.70 4.02
N TYR A 24 -3.73 -2.25 3.10
CA TYR A 24 -2.32 -2.52 3.39
C TYR A 24 -1.38 -2.18 2.23
N PHE A 25 -1.91 -1.58 1.17
CA PHE A 25 -1.08 -1.21 0.03
C PHE A 25 -0.96 0.30 -0.11
N GLN A 26 -2.00 1.02 0.32
CA GLN A 26 -2.00 2.47 0.24
C GLN A 26 -2.59 3.12 1.49
N ARG A 27 -3.06 2.28 2.42
CA ARG A 27 -3.64 2.78 3.66
C ARG A 27 -2.55 3.23 4.64
N LYS A 28 -1.76 4.22 4.21
CA LYS A 28 -0.69 4.76 5.03
C LYS A 28 0.24 3.65 5.53
N PRO A 29 1.12 3.14 4.66
CA PRO A 29 2.06 2.08 5.02
C PRO A 29 3.16 2.57 5.96
N LYS A 30 3.83 3.65 5.55
CA LYS A 30 4.91 4.22 6.35
C LYS A 30 4.36 5.03 7.53
N LEU A 31 5.25 5.39 8.45
CA LEU A 31 4.86 6.16 9.62
C LEU A 31 5.69 7.44 9.72
N THR A 32 5.10 8.48 10.29
CA THR A 32 5.79 9.77 10.44
C THR A 32 6.20 10.33 9.09
N GLU A 33 5.39 11.24 8.56
CA GLU A 33 5.68 11.84 7.26
C GLU A 33 6.47 13.14 7.41
N ALA A 34 7.00 13.64 6.31
CA ALA A 34 7.77 14.88 6.32
C ALA A 34 7.30 15.85 5.24
N PRO A 35 6.33 16.72 5.58
CA PRO A 35 5.79 17.71 4.64
C PRO A 35 6.85 18.71 4.17
N GLU A 1 7.97 15.05 0.82
CA GLU A 1 6.82 15.07 -0.12
C GLU A 1 6.57 13.68 -0.69
N HIS A 2 7.64 12.93 -0.92
CA HIS A 2 7.53 11.59 -1.47
C HIS A 2 8.08 10.56 -0.50
N LYS A 3 7.32 9.48 -0.29
CA LYS A 3 7.72 8.41 0.62
C LYS A 3 8.05 7.14 -0.16
N HIS A 4 7.87 7.19 -1.47
CA HIS A 4 8.14 6.05 -2.33
C HIS A 4 9.54 6.15 -2.92
N SER A 5 9.89 7.35 -3.37
CA SER A 5 11.21 7.62 -3.95
C SER A 5 11.50 6.71 -5.14
N ASP A 6 10.46 6.09 -5.69
CA ASP A 6 10.61 5.20 -6.84
C ASP A 6 11.48 3.99 -6.50
N GLU A 7 10.90 2.80 -6.63
CA GLU A 7 11.63 1.55 -6.35
C GLU A 7 11.16 0.45 -7.27
N SER A 8 10.06 -0.21 -6.88
CA SER A 8 9.50 -1.28 -7.69
C SER A 8 8.43 -0.72 -8.62
N THR A 9 8.03 0.52 -8.35
CA THR A 9 7.02 1.20 -9.16
C THR A 9 5.69 0.43 -9.12
N SER A 10 5.61 -0.55 -8.24
CA SER A 10 4.40 -1.36 -8.11
C SER A 10 4.30 -1.95 -6.70
N GLU A 11 5.30 -1.64 -5.87
CA GLU A 11 5.33 -2.13 -4.50
C GLU A 11 4.09 -1.70 -3.74
N SEP A 12 3.98 -0.41 -3.51
CA SEP A 12 2.85 0.16 -2.79
CB SEP A 12 3.31 1.34 -1.95
OG SEP A 12 2.23 1.90 -1.20
C SEP A 12 1.76 0.61 -3.77
O SEP A 12 0.94 1.47 -3.45
P SEP A 12 2.30 3.50 -1.29
O1P SEP A 12 3.79 3.98 -0.91
O2P SEP A 12 2.13 3.96 -2.83
O3P SEP A 12 1.01 4.13 -0.55
H SEP A 12 4.69 0.18 -3.84
HA SEP A 12 2.45 -0.60 -2.15
HB2 SEP A 12 4.07 1.01 -1.25
HB3 SEP A 12 3.72 2.11 -2.59
N PHE A 13 1.76 0.01 -4.96
CA PHE A 13 0.77 0.35 -5.98
C PHE A 13 0.41 -0.89 -6.81
N GLU A 14 -0.01 -0.65 -8.05
CA GLU A 14 -0.37 -1.74 -8.95
C GLU A 14 -1.57 -2.51 -8.40
N SER A 15 -2.22 -1.94 -7.39
CA SER A 15 -3.38 -2.56 -6.76
C SER A 15 -4.64 -1.72 -7.01
N ILE A 16 -5.80 -2.35 -6.79
CA ILE A 16 -7.08 -1.68 -6.97
C ILE A 16 -7.24 -0.55 -5.95
N ALA A 17 -7.19 -0.91 -4.68
CA ALA A 17 -7.31 0.07 -3.59
C ALA A 17 -8.63 0.83 -3.68
N ASP A 18 -9.68 0.25 -3.13
CA ASP A 18 -11.00 0.86 -3.13
C ASP A 18 -12.00 0.01 -2.36
N ASN A 19 -11.48 -1.04 -1.73
CA ASN A 19 -12.31 -1.96 -0.97
C ASN A 19 -11.47 -2.81 -0.02
N ASN A 20 -10.16 -2.81 -0.23
CA ASN A 20 -9.26 -3.59 0.62
C ASN A 20 -7.81 -3.11 0.47
N ASP A 21 -7.29 -3.21 -0.75
CA ASP A 21 -5.92 -2.77 -1.04
C ASP A 21 -5.68 -1.37 -0.50
N ASP A 22 -6.75 -0.61 -0.34
CA ASP A 22 -6.66 0.73 0.19
C ASP A 22 -6.44 0.69 1.71
N SER A 23 -5.80 -0.40 2.15
CA SER A 23 -5.53 -0.60 3.57
C SER A 23 -4.20 -1.31 3.75
N TYR A 24 -3.96 -2.34 2.93
CA TYR A 24 -2.72 -3.09 3.01
C TYR A 24 -1.79 -2.78 1.83
N PHE A 25 -2.11 -1.71 1.11
CA PHE A 25 -1.31 -1.30 -0.04
C PHE A 25 -1.18 0.22 -0.11
N GLN A 26 -2.25 0.93 0.23
CA GLN A 26 -2.25 2.39 0.19
C GLN A 26 -2.09 3.00 1.58
N ARG A 27 -2.32 2.19 2.62
CA ARG A 27 -2.20 2.67 3.99
C ARG A 27 -0.92 2.16 4.64
N LYS A 28 0.19 2.81 4.30
CA LYS A 28 1.50 2.47 4.85
C LYS A 28 2.10 3.65 5.62
N PRO A 29 1.63 3.88 6.86
CA PRO A 29 2.12 4.98 7.69
C PRO A 29 3.49 4.67 8.29
N LYS A 30 3.76 3.39 8.50
CA LYS A 30 5.03 2.95 9.06
C LYS A 30 6.00 2.54 7.96
N LEU A 31 7.28 2.39 8.33
CA LEU A 31 8.30 2.01 7.37
C LEU A 31 9.15 0.86 7.91
N THR A 32 9.02 -0.31 7.28
CA THR A 32 9.77 -1.50 7.67
C THR A 32 9.65 -1.77 9.17
N GLU A 33 8.58 -1.28 9.78
CA GLU A 33 8.36 -1.48 11.20
C GLU A 33 7.56 -2.76 11.46
N ALA A 34 7.36 -3.08 12.73
CA ALA A 34 6.61 -4.27 13.11
C ALA A 34 5.72 -4.01 14.32
N PRO A 35 4.60 -4.75 14.45
CA PRO A 35 3.67 -4.59 15.57
C PRO A 35 4.34 -4.81 16.92
#